data_9HE9
#
_entry.id   9HE9
#
_cell.length_a   271.878
_cell.length_b   75.001
_cell.length_c   105.446
_cell.angle_alpha   90.00
_cell.angle_beta   111.74
_cell.angle_gamma   90.00
#
_symmetry.space_group_name_H-M   'C 1 2 1'
#
loop_
_entity.id
_entity.type
_entity.pdbx_description
1 polymer 'Heme-thiolate peroxidase'
2 branched alpha-D-mannopyranose-(1-3)-[alpha-D-mannopyranose-(1-6)]beta-D-mannopyranose-(1-4)-2-acetamido-2-deoxy-beta-D-glucopyranose-(1-4)-2-acetamido-2-deoxy-beta-D-glucopyranose
3 branched alpha-D-mannopyranose-(1-3)-[alpha-D-mannopyranose-(1-6)]alpha-D-mannopyranose-(1-6)-[alpha-D-mannopyranose-(1-3)]beta-D-mannopyranose-(1-4)-2-acetamido-2-deoxy-beta-D-glucopyranose-(1-4)-2-acetamido-2-deoxy-beta-D-glucopyranose
4 branched alpha-D-mannopyranose-(1-3)-beta-D-mannopyranose-(1-4)-2-acetamido-2-deoxy-beta-D-glucopyranose-(1-4)-2-acetamido-2-deoxy-beta-D-glucopyranose
5 branched alpha-D-mannopyranose-(1-3)-alpha-D-mannopyranose-(1-6)-[alpha-D-mannopyranose-(1-3)]beta-D-mannopyranose-(1-4)-2-acetamido-2-deoxy-beta-D-glucopyranose-(1-4)-2-acetamido-2-deoxy-beta-D-glucopyranose
6 branched 2-acetamido-2-deoxy-beta-D-glucopyranose-(1-4)-2-acetamido-2-deoxy-beta-D-glucopyranose
7 non-polymer 'LAURIC ACID'
8 non-polymer '4-(2-HYDROXYETHYL)-1-PIPERAZINE ETHANESULFONIC ACID'
9 non-polymer GLYCEROL
10 non-polymer 'PROTOPORPHYRIN IX CONTAINING FE'
11 non-polymer 'SULFATE ION'
12 non-polymer 'MAGNESIUM ION'
13 water water
#
_entity_poly.entity_id   1
_entity_poly.type   'polypeptide(L)'
_entity_poly.pdbx_seq_one_letter_code
;QGVDPPPPPGPPSFTGTKLVNDADHPWQPLREGDIRGPCPGLNTLASHGYLPRDGVATPAQIITATQEGFNFENNAAIVA
TYLGHLLNGNLVTDLLSIGGATPKTGPPPPPPAHAGGLNVHGTFEGDAGMTRADEFFGDNHSFNQTLFDKFVDFSNRYGG
GFYNLTVAGELRYSRIQDSIATNPEFQFKNVRFITAYGETVFPINLFVDGRVTTDRKLSMEDAASIFRDMRFPDDFHRSA
VPASNEGADQVLAAHPWVPGGNADNQVNNYVEDPDSADFTHLCRLYEFVVGSVQELYPNPTGILRRNLIKNLHYWWTGVN
VAFGGCDELFPYGQL
;
_entity_poly.pdbx_strand_id   A,B,C
#
# COMPACT_ATOMS: atom_id res chain seq x y z
N GLN A 1 45.52 4.46 -20.54
CA GLN A 1 46.82 4.83 -19.91
C GLN A 1 46.61 5.73 -18.70
N GLY A 2 45.64 6.67 -18.75
CA GLY A 2 45.22 7.42 -17.58
C GLY A 2 44.57 8.76 -17.93
N VAL A 3 43.87 9.33 -16.96
CA VAL A 3 43.20 10.61 -17.08
C VAL A 3 43.92 11.63 -16.19
N ASP A 4 43.90 12.90 -16.61
CA ASP A 4 44.41 13.99 -15.80
C ASP A 4 43.22 14.67 -15.11
N PRO A 5 43.00 14.47 -13.78
CA PRO A 5 41.74 14.88 -13.15
C PRO A 5 41.69 16.39 -12.91
N PRO A 6 40.64 17.09 -13.38
CA PRO A 6 40.55 18.54 -13.23
C PRO A 6 40.13 18.90 -11.81
N PRO A 7 40.35 20.16 -11.37
CA PRO A 7 39.89 20.60 -10.05
C PRO A 7 38.36 20.56 -9.99
N PRO A 8 37.77 20.48 -8.79
CA PRO A 8 36.30 20.40 -8.68
C PRO A 8 35.60 21.64 -9.21
N PRO A 9 34.37 21.49 -9.74
CA PRO A 9 33.52 22.63 -10.04
C PRO A 9 33.31 23.46 -8.78
N GLY A 10 33.08 24.76 -8.99
CA GLY A 10 32.64 25.66 -7.95
C GLY A 10 31.12 25.60 -7.82
N PRO A 11 30.53 26.50 -7.01
CA PRO A 11 29.08 26.58 -6.87
C PRO A 11 28.41 26.84 -8.21
N PRO A 12 27.12 26.47 -8.39
CA PRO A 12 26.41 26.82 -9.62
C PRO A 12 26.19 28.34 -9.71
N SER A 13 26.16 28.84 -10.95
CA SER A 13 25.88 30.25 -11.23
CA SER A 13 25.89 30.24 -11.23
C SER A 13 24.55 30.66 -10.63
N PHE A 14 23.53 29.82 -10.80
CA PHE A 14 22.19 30.06 -10.25
C PHE A 14 21.98 29.13 -9.05
N THR A 15 21.61 29.71 -7.90
CA THR A 15 21.51 28.98 -6.65
C THR A 15 20.10 29.03 -6.09
N GLY A 16 19.12 29.50 -6.88
CA GLY A 16 17.73 29.56 -6.44
C GLY A 16 17.03 28.23 -6.69
N THR A 17 15.74 28.16 -6.38
CA THR A 17 14.96 26.96 -6.63
C THR A 17 14.71 26.85 -8.13
N LYS A 18 14.48 25.61 -8.58
CA LYS A 18 14.03 25.34 -9.93
C LYS A 18 13.43 23.94 -9.98
N LEU A 19 12.66 23.69 -11.03
CA LEU A 19 12.16 22.36 -11.32
C LEU A 19 13.33 21.48 -11.73
N VAL A 20 13.57 20.37 -10.99
CA VAL A 20 14.67 19.48 -11.34
C VAL A 20 14.11 18.19 -11.94
N ASN A 21 12.88 17.82 -11.58
CA ASN A 21 12.20 16.71 -12.22
C ASN A 21 11.48 17.22 -13.46
N ASP A 22 12.26 17.47 -14.52
CA ASP A 22 11.78 18.13 -15.72
C ASP A 22 11.88 17.15 -16.90
N ALA A 23 11.54 17.65 -18.08
CA ALA A 23 11.36 16.79 -19.24
C ALA A 23 12.69 16.20 -19.68
N ASP A 24 13.78 16.95 -19.47
CA ASP A 24 15.10 16.53 -19.88
C ASP A 24 15.70 15.49 -18.92
N HIS A 25 15.11 15.33 -17.74
CA HIS A 25 15.65 14.43 -16.71
C HIS A 25 14.56 13.46 -16.27
N PRO A 26 14.04 12.59 -17.17
CA PRO A 26 13.00 11.63 -16.82
C PRO A 26 13.56 10.46 -16.02
N TRP A 27 12.76 9.99 -15.05
CA TRP A 27 13.05 8.73 -14.41
C TRP A 27 12.99 7.63 -15.46
N GLN A 28 13.91 6.67 -15.35
CA GLN A 28 13.93 5.51 -16.22
C GLN A 28 14.38 4.29 -15.41
N PRO A 29 13.83 3.10 -15.73
CA PRO A 29 14.20 1.88 -15.02
C PRO A 29 15.66 1.50 -15.27
N LEU A 30 16.19 0.66 -14.38
CA LEU A 30 17.53 0.14 -14.47
C LEU A 30 17.64 -0.75 -15.71
N ARG A 31 18.78 -0.61 -16.41
CA ARG A 31 19.18 -1.58 -17.42
C ARG A 31 20.27 -2.49 -16.85
N GLU A 32 20.56 -3.56 -17.57
CA GLU A 32 21.65 -4.45 -17.23
C GLU A 32 22.96 -3.66 -17.16
N GLY A 33 23.70 -3.86 -16.07
CA GLY A 33 24.97 -3.20 -15.85
C GLY A 33 24.85 -1.92 -15.03
N ASP A 34 23.64 -1.36 -14.90
CA ASP A 34 23.44 -0.13 -14.13
C ASP A 34 23.69 -0.41 -12.66
N ILE A 35 24.44 0.50 -12.01
CA ILE A 35 24.85 0.36 -10.63
C ILE A 35 24.09 1.37 -9.77
N ARG A 36 23.59 0.89 -8.62
CA ARG A 36 23.00 1.73 -7.59
C ARG A 36 23.54 1.26 -6.26
N GLY A 37 23.48 2.11 -5.23
CA GLY A 37 24.14 1.82 -3.98
C GLY A 37 23.41 2.38 -2.77
N PRO A 38 24.13 2.74 -1.69
CA PRO A 38 23.51 3.11 -0.42
C PRO A 38 23.05 4.55 -0.32
N CYS A 39 23.34 5.38 -1.33
CA CYS A 39 23.00 6.79 -1.30
C CYS A 39 21.76 7.08 -2.13
N PRO A 40 20.64 7.47 -1.47
CA PRO A 40 19.40 7.77 -2.19
C PRO A 40 19.53 9.02 -3.06
N GLY A 41 20.44 9.93 -2.67
CA GLY A 41 20.65 11.15 -3.45
C GLY A 41 21.26 10.82 -4.81
N LEU A 42 22.40 10.12 -4.77
CA LEU A 42 23.10 9.73 -5.99
C LEU A 42 22.25 8.77 -6.81
N ASN A 43 21.57 7.83 -6.14
CA ASN A 43 20.70 6.88 -6.81
C ASN A 43 19.66 7.61 -7.66
N THR A 44 19.01 8.61 -7.07
CA THR A 44 17.95 9.34 -7.75
C THR A 44 18.52 10.17 -8.90
N LEU A 45 19.70 10.78 -8.69
CA LEU A 45 20.34 11.56 -9.73
C LEU A 45 20.65 10.67 -10.93
N ALA A 46 21.14 9.45 -10.69
CA ALA A 46 21.45 8.53 -11.77
C ALA A 46 20.17 8.09 -12.48
N SER A 47 19.12 7.77 -11.73
CA SER A 47 17.89 7.28 -12.35
C SER A 47 17.12 8.38 -13.08
N HIS A 48 17.52 9.65 -12.93
CA HIS A 48 16.92 10.76 -13.66
C HIS A 48 17.89 11.36 -14.69
N GLY A 49 19.11 10.82 -14.76
CA GLY A 49 20.07 11.20 -15.79
C GLY A 49 20.85 12.47 -15.45
N TYR A 50 20.81 12.94 -14.20
CA TYR A 50 21.72 13.98 -13.76
C TYR A 50 23.15 13.44 -13.69
N LEU A 51 23.28 12.16 -13.31
CA LEU A 51 24.51 11.41 -13.44
C LEU A 51 24.36 10.44 -14.61
N PRO A 52 25.46 9.87 -15.13
CA PRO A 52 25.36 8.72 -16.04
C PRO A 52 24.43 7.67 -15.43
N ARG A 53 23.51 7.15 -16.24
CA ARG A 53 22.47 6.26 -15.78
C ARG A 53 23.04 4.93 -15.30
N ASP A 54 24.31 4.65 -15.63
CA ASP A 54 24.92 3.39 -15.22
C ASP A 54 25.49 3.49 -13.82
N GLY A 55 25.41 4.67 -13.19
CA GLY A 55 25.83 4.83 -11.81
C GLY A 55 27.36 4.89 -11.66
N VAL A 56 28.07 5.19 -12.75
CA VAL A 56 29.52 5.38 -12.68
C VAL A 56 29.83 6.77 -13.22
N ALA A 57 30.60 7.54 -12.45
CA ALA A 57 30.77 8.94 -12.75
C ALA A 57 32.13 9.45 -12.27
N THR A 58 32.54 10.59 -12.81
CA THR A 58 33.73 11.29 -12.33
C THR A 58 33.35 12.08 -11.09
N PRO A 59 34.33 12.42 -10.23
CA PRO A 59 34.09 13.34 -9.12
C PRO A 59 33.42 14.63 -9.58
N ALA A 60 33.92 15.21 -10.68
CA ALA A 60 33.38 16.43 -11.23
C ALA A 60 31.90 16.28 -11.56
N GLN A 61 31.53 15.17 -12.20
CA GLN A 61 30.13 14.92 -12.55
C GLN A 61 29.25 14.82 -11.30
N ILE A 62 29.77 14.17 -10.25
CA ILE A 62 29.00 13.96 -9.03
C ILE A 62 28.74 15.30 -8.36
N ILE A 63 29.75 16.16 -8.30
CA ILE A 63 29.60 17.46 -7.66
C ILE A 63 28.54 18.27 -8.39
N THR A 64 28.65 18.36 -9.72
CA THR A 64 27.73 19.17 -10.50
CA THR A 64 27.73 19.17 -10.50
C THR A 64 26.32 18.58 -10.37
N ALA A 65 26.20 17.25 -10.39
CA ALA A 65 24.88 16.61 -10.29
C ALA A 65 24.22 16.90 -8.95
N THR A 66 24.96 16.84 -7.84
CA THR A 66 24.38 17.10 -6.52
C THR A 66 23.96 18.58 -6.40
N GLN A 67 24.73 19.48 -7.03
CA GLN A 67 24.38 20.90 -7.10
C GLN A 67 23.15 21.12 -7.97
N GLU A 68 23.17 20.64 -9.21
CA GLU A 68 22.07 20.87 -10.14
C GLU A 68 20.77 20.27 -9.63
N GLY A 69 20.85 19.03 -9.13
CA GLY A 69 19.68 18.25 -8.79
C GLY A 69 19.10 18.61 -7.42
N PHE A 70 19.97 18.95 -6.45
CA PHE A 70 19.51 19.11 -5.07
C PHE A 70 19.94 20.42 -4.43
N ASN A 71 20.81 21.19 -5.11
CA ASN A 71 21.42 22.38 -4.53
C ASN A 71 22.26 22.01 -3.32
N PHE A 72 22.92 20.84 -3.38
CA PHE A 72 23.88 20.48 -2.36
C PHE A 72 24.99 21.54 -2.37
N GLU A 73 25.37 22.01 -1.19
CA GLU A 73 26.33 23.10 -1.10
C GLU A 73 27.70 22.61 -1.58
N ASN A 74 28.39 23.50 -2.30
CA ASN A 74 29.62 23.20 -3.03
C ASN A 74 30.66 22.50 -2.15
N ASN A 75 30.96 23.08 -0.98
CA ASN A 75 32.02 22.54 -0.15
CA ASN A 75 32.00 22.55 -0.11
C ASN A 75 31.61 21.17 0.42
N ALA A 76 30.34 21.02 0.80
CA ALA A 76 29.86 19.74 1.28
C ALA A 76 29.96 18.68 0.19
N ALA A 77 29.69 19.07 -1.05
CA ALA A 77 29.80 18.18 -2.21
C ALA A 77 31.26 17.76 -2.42
N ILE A 78 32.20 18.70 -2.23
CA ILE A 78 33.61 18.42 -2.42
C ILE A 78 34.10 17.46 -1.34
N VAL A 79 33.69 17.71 -0.09
CA VAL A 79 34.11 16.86 1.02
C VAL A 79 33.59 15.43 0.82
N ALA A 80 32.31 15.28 0.49
CA ALA A 80 31.73 13.96 0.32
C ALA A 80 32.32 13.23 -0.89
N THR A 81 32.47 13.95 -2.01
CA THR A 81 32.79 13.28 -3.27
C THR A 81 34.22 12.74 -3.24
N TYR A 82 35.19 13.55 -2.82
CA TYR A 82 36.59 13.14 -2.90
C TYR A 82 36.91 12.15 -1.77
N LEU A 83 36.14 12.20 -0.68
CA LEU A 83 36.23 11.16 0.34
C LEU A 83 35.88 9.82 -0.29
N GLY A 84 34.69 9.77 -0.90
CA GLY A 84 34.24 8.59 -1.62
C GLY A 84 35.23 8.12 -2.67
N HIS A 85 35.78 9.08 -3.44
CA HIS A 85 36.65 8.75 -4.56
C HIS A 85 38.01 8.22 -4.07
N LEU A 86 38.62 8.93 -3.11
CA LEU A 86 39.92 8.54 -2.58
C LEU A 86 39.89 7.09 -2.07
N LEU A 87 38.81 6.73 -1.34
CA LEU A 87 38.71 5.44 -0.68
C LEU A 87 38.17 4.38 -1.64
N ASN A 88 37.22 4.74 -2.52
CA ASN A 88 36.40 3.76 -3.20
C ASN A 88 36.39 3.90 -4.72
N GLY A 89 37.10 4.90 -5.24
CA GLY A 89 37.12 5.13 -6.68
C GLY A 89 38.44 4.72 -7.33
N ASN A 90 38.48 4.80 -8.66
CA ASN A 90 39.66 4.51 -9.45
C ASN A 90 40.31 5.83 -9.83
N LEU A 91 41.46 6.11 -9.22
CA LEU A 91 42.11 7.40 -9.31
C LEU A 91 42.74 7.62 -10.68
N VAL A 92 43.06 6.52 -11.37
CA VAL A 92 43.70 6.57 -12.67
C VAL A 92 42.67 6.90 -13.75
N THR A 93 41.50 6.24 -13.73
CA THR A 93 40.47 6.50 -14.72
C THR A 93 39.57 7.66 -14.27
N ASP A 94 39.67 8.06 -12.99
CA ASP A 94 38.88 9.14 -12.43
C ASP A 94 37.40 8.77 -12.44
N LEU A 95 37.08 7.52 -12.12
CA LEU A 95 35.71 7.02 -12.12
C LEU A 95 35.40 6.40 -10.76
N LEU A 96 34.19 6.67 -10.25
CA LEU A 96 33.69 6.14 -9.00
C LEU A 96 32.34 5.48 -9.25
N SER A 97 32.18 4.24 -8.73
CA SER A 97 30.90 3.56 -8.69
C SER A 97 30.10 4.03 -7.49
N ILE A 98 28.82 4.34 -7.70
CA ILE A 98 27.99 4.80 -6.60
C ILE A 98 27.47 3.59 -5.82
N GLY A 99 27.83 2.39 -6.26
CA GLY A 99 27.42 1.16 -5.59
C GLY A 99 28.59 0.20 -5.45
N GLY A 100 28.47 -0.98 -6.05
CA GLY A 100 29.44 -2.05 -5.90
C GLY A 100 30.45 -2.07 -7.04
N ALA A 101 31.18 -3.18 -7.12
CA ALA A 101 32.27 -3.33 -8.08
C ALA A 101 31.69 -3.46 -9.48
N THR A 102 32.42 -2.93 -10.46
CA THR A 102 32.00 -2.97 -11.85
C THR A 102 33.23 -2.80 -12.73
N PRO A 103 33.32 -3.51 -13.88
CA PRO A 103 34.38 -3.24 -14.85
C PRO A 103 34.33 -1.82 -15.44
N LYS A 104 33.18 -1.15 -15.31
CA LYS A 104 32.98 0.19 -15.83
C LYS A 104 33.94 1.21 -15.21
N THR A 105 34.55 0.91 -14.05
CA THR A 105 35.50 1.84 -13.45
C THR A 105 36.89 1.63 -14.04
N GLY A 106 37.08 0.56 -14.84
CA GLY A 106 38.31 0.35 -15.59
C GLY A 106 39.26 -0.62 -14.89
N PRO A 107 40.51 -0.75 -15.40
CA PRO A 107 41.48 -1.69 -14.85
C PRO A 107 41.65 -1.51 -13.34
N PRO A 108 41.55 -2.59 -12.55
CA PRO A 108 41.58 -2.48 -11.08
C PRO A 108 42.87 -1.85 -10.60
N PRO A 109 42.85 -1.10 -9.48
CA PRO A 109 44.07 -0.56 -8.89
C PRO A 109 44.86 -1.66 -8.19
N PRO A 110 46.16 -1.43 -7.88
CA PRO A 110 46.94 -2.36 -7.07
C PRO A 110 46.35 -2.56 -5.68
N PRO A 111 46.16 -3.82 -5.21
CA PRO A 111 45.72 -4.08 -3.83
C PRO A 111 46.71 -3.46 -2.85
N PRO A 112 46.30 -3.06 -1.63
CA PRO A 112 44.94 -3.28 -1.10
C PRO A 112 43.83 -2.33 -1.56
N ALA A 113 44.14 -1.36 -2.43
CA ALA A 113 43.12 -0.52 -3.05
C ALA A 113 42.23 -1.38 -3.95
N HIS A 114 40.99 -0.94 -4.17
CA HIS A 114 39.95 -1.80 -4.72
C HIS A 114 39.05 -1.09 -5.74
N ALA A 115 38.77 0.22 -5.54
CA ALA A 115 37.84 0.96 -6.38
C ALA A 115 36.51 0.23 -6.45
N GLY A 116 36.07 -0.27 -5.29
CA GLY A 116 34.94 -1.17 -5.17
C GLY A 116 33.62 -0.41 -4.99
N GLY A 117 33.69 0.93 -4.90
CA GLY A 117 32.50 1.76 -4.91
C GLY A 117 32.00 2.06 -3.51
N LEU A 118 30.93 2.87 -3.45
CA LEU A 118 30.40 3.38 -2.20
C LEU A 118 29.85 2.26 -1.31
N ASN A 119 29.62 1.07 -1.90
CA ASN A 119 29.17 -0.10 -1.14
C ASN A 119 30.20 -0.59 -0.13
N VAL A 120 31.49 -0.28 -0.33
CA VAL A 120 32.53 -0.82 0.53
C VAL A 120 32.35 -0.33 1.97
N HIS A 121 32.30 -1.31 2.89
CA HIS A 121 31.99 -1.08 4.29
C HIS A 121 33.24 -0.78 5.10
N GLY A 122 33.13 0.12 6.08
CA GLY A 122 34.06 0.12 7.19
C GLY A 122 34.88 1.41 7.33
N THR A 123 35.08 2.17 6.24
CA THR A 123 35.80 3.42 6.33
C THR A 123 34.89 4.60 5.99
N PHE A 124 34.08 4.50 4.92
CA PHE A 124 33.04 5.47 4.61
C PHE A 124 31.66 4.90 5.02
N GLU A 125 31.07 4.05 4.18
CA GLU A 125 29.78 3.43 4.47
C GLU A 125 29.85 2.74 5.84
N GLY A 126 28.79 2.90 6.65
CA GLY A 126 28.74 2.32 7.98
C GLY A 126 27.32 2.09 8.47
N ASP A 127 27.21 1.90 9.80
CA ASP A 127 26.08 1.24 10.43
C ASP A 127 25.03 2.26 10.90
N ALA A 128 23.86 1.73 11.27
CA ALA A 128 22.75 2.49 11.85
C ALA A 128 22.19 3.50 10.85
N GLY A 129 22.09 3.13 9.57
CA GLY A 129 21.42 3.95 8.57
C GLY A 129 19.90 3.90 8.75
N MET A 130 19.20 4.78 8.02
CA MET A 130 17.77 4.95 8.16
C MET A 130 17.01 3.91 7.35
N THR A 131 17.41 3.69 6.09
CA THR A 131 16.69 2.78 5.21
C THR A 131 17.56 1.62 4.73
N ARG A 132 18.84 1.59 5.14
CA ARG A 132 19.73 0.48 4.82
C ARG A 132 20.15 -0.24 6.10
N ALA A 133 20.31 -1.56 6.00
CA ALA A 133 20.71 -2.40 7.13
C ALA A 133 22.23 -2.41 7.24
N ASP A 134 22.72 -2.69 8.46
CA ASP A 134 24.15 -2.82 8.71
C ASP A 134 24.73 -3.96 7.88
N GLU A 135 25.98 -3.82 7.47
CA GLU A 135 26.67 -4.79 6.62
C GLU A 135 26.72 -6.17 7.28
N PHE A 136 26.78 -6.22 8.62
CA PHE A 136 26.84 -7.47 9.35
C PHE A 136 25.67 -8.37 8.97
N PHE A 137 24.50 -7.79 8.67
CA PHE A 137 23.30 -8.57 8.38
C PHE A 137 23.28 -9.05 6.92
N GLY A 138 24.24 -8.61 6.09
CA GLY A 138 24.47 -9.24 4.79
C GLY A 138 24.16 -8.33 3.59
N ASP A 139 23.60 -7.13 3.80
CA ASP A 139 23.27 -6.25 2.68
C ASP A 139 23.22 -4.80 3.16
N ASN A 140 24.24 -4.02 2.80
CA ASN A 140 24.39 -2.66 3.30
C ASN A 140 23.92 -1.61 2.28
N HIS A 141 23.36 -2.06 1.15
CA HIS A 141 23.10 -1.18 0.02
C HIS A 141 21.63 -1.13 -0.40
N SER A 142 20.90 -2.25 -0.29
CA SER A 142 19.51 -2.30 -0.70
C SER A 142 18.60 -1.55 0.27
N PHE A 143 17.52 -0.99 -0.28
CA PHE A 143 16.43 -0.50 0.56
C PHE A 143 15.86 -1.64 1.40
N ASN A 144 15.52 -1.32 2.66
CA ASN A 144 15.00 -2.29 3.62
C ASN A 144 13.66 -1.79 4.14
N GLN A 145 12.58 -2.51 3.80
CA GLN A 145 11.22 -2.07 4.08
C GLN A 145 10.98 -2.00 5.59
N THR A 146 11.52 -2.96 6.35
CA THR A 146 11.34 -3.00 7.79
C THR A 146 11.88 -1.71 8.41
N LEU A 147 13.04 -1.25 7.93
CA LEU A 147 13.65 -0.03 8.44
C LEU A 147 12.83 1.18 8.03
N PHE A 148 12.29 1.16 6.80
CA PHE A 148 11.47 2.27 6.33
C PHE A 148 10.17 2.31 7.14
N ASP A 149 9.67 1.13 7.55
CA ASP A 149 8.50 1.08 8.43
C ASP A 149 8.77 1.78 9.75
N LYS A 150 10.00 1.63 10.29
CA LYS A 150 10.41 2.33 11.49
C LYS A 150 10.48 3.84 11.23
N PHE A 151 11.00 4.23 10.05
CA PHE A 151 11.01 5.63 9.65
C PHE A 151 9.59 6.19 9.70
N VAL A 152 8.63 5.44 9.16
CA VAL A 152 7.22 5.86 9.14
C VAL A 152 6.70 5.91 10.57
N ASP A 153 6.98 4.87 11.35
CA ASP A 153 6.53 4.82 12.74
C ASP A 153 7.00 6.07 13.49
N PHE A 154 8.30 6.38 13.40
CA PHE A 154 8.86 7.48 14.15
C PHE A 154 8.28 8.80 13.65
N SER A 155 8.06 8.91 12.34
CA SER A 155 7.41 10.08 11.77
C SER A 155 6.00 10.25 12.33
N ASN A 156 5.27 9.14 12.53
CA ASN A 156 3.95 9.19 13.11
C ASN A 156 4.03 9.62 14.57
N ARG A 157 5.00 9.08 15.32
CA ARG A 157 5.06 9.27 16.76
C ARG A 157 5.53 10.68 17.11
N TYR A 158 6.38 11.29 16.26
CA TYR A 158 7.09 12.50 16.65
C TYR A 158 6.93 13.64 15.64
N GLY A 159 6.37 13.38 14.45
CA GLY A 159 6.35 14.40 13.41
C GLY A 159 4.98 14.60 12.75
N GLY A 160 3.91 14.14 13.40
CA GLY A 160 2.58 14.34 12.86
C GLY A 160 2.35 13.52 11.59
N GLY A 161 3.14 12.47 11.39
CA GLY A 161 3.06 11.66 10.17
C GLY A 161 4.05 12.10 9.08
N PHE A 162 4.92 13.07 9.41
CA PHE A 162 5.92 13.59 8.50
C PHE A 162 7.30 13.51 9.16
N TYR A 163 8.35 13.51 8.35
CA TYR A 163 9.71 13.51 8.87
C TYR A 163 10.17 14.95 9.01
N ASN A 164 10.47 15.34 10.26
CA ASN A 164 11.01 16.65 10.57
C ASN A 164 12.18 16.47 11.55
N LEU A 165 12.72 17.59 12.04
CA LEU A 165 13.97 17.55 12.80
C LEU A 165 13.77 16.84 14.15
N THR A 166 12.58 16.94 14.74
CA THR A 166 12.28 16.21 15.96
C THR A 166 12.38 14.71 15.70
N VAL A 167 11.87 14.26 14.54
CA VAL A 167 11.85 12.86 14.21
C VAL A 167 13.29 12.37 14.02
N ALA A 168 14.10 13.20 13.35
CA ALA A 168 15.50 12.88 13.09
C ALA A 168 16.23 12.58 14.40
N GLY A 169 16.06 13.45 15.39
CA GLY A 169 16.69 13.26 16.69
C GLY A 169 16.33 11.90 17.32
N GLU A 170 15.05 11.55 17.28
CA GLU A 170 14.57 10.33 17.88
C GLU A 170 15.03 9.11 17.08
N LEU A 171 14.94 9.18 15.75
CA LEU A 171 15.20 8.02 14.92
C LEU A 171 16.68 7.68 14.96
N ARG A 172 17.54 8.70 14.91
CA ARG A 172 18.97 8.49 14.90
C ARG A 172 19.39 7.71 16.15
N TYR A 173 18.93 8.15 17.33
CA TYR A 173 19.27 7.50 18.59
C TYR A 173 18.76 6.05 18.58
N SER A 174 17.50 5.86 18.15
CA SER A 174 16.88 4.55 18.20
C SER A 174 17.62 3.56 17.30
N ARG A 175 18.06 4.04 16.13
CA ARG A 175 18.78 3.19 15.19
C ARG A 175 20.15 2.82 15.75
N ILE A 176 20.76 3.74 16.50
CA ILE A 176 22.00 3.42 17.20
C ILE A 176 21.75 2.27 18.18
N GLN A 177 20.67 2.40 18.97
CA GLN A 177 20.32 1.39 19.95
C GLN A 177 20.06 0.04 19.29
N ASP A 178 19.40 0.03 18.12
CA ASP A 178 19.13 -1.21 17.41
C ASP A 178 20.42 -1.94 17.10
N SER A 179 21.42 -1.20 16.57
CA SER A 179 22.68 -1.79 16.16
C SER A 179 23.46 -2.29 17.38
N ILE A 180 23.42 -1.54 18.49
CA ILE A 180 24.08 -1.98 19.72
C ILE A 180 23.53 -3.34 20.12
N ALA A 181 22.19 -3.47 20.12
CA ALA A 181 21.51 -4.64 20.62
C ALA A 181 21.67 -5.84 19.68
N THR A 182 21.85 -5.63 18.37
CA THR A 182 21.69 -6.72 17.42
C THR A 182 22.95 -6.99 16.60
N ASN A 183 23.91 -6.06 16.57
CA ASN A 183 25.04 -6.18 15.67
C ASN A 183 26.32 -6.22 16.49
N PRO A 184 26.97 -7.39 16.63
CA PRO A 184 28.20 -7.50 17.42
C PRO A 184 29.40 -6.79 16.85
N GLU A 185 29.36 -6.46 15.54
CA GLU A 185 30.45 -5.78 14.86
C GLU A 185 30.14 -4.30 14.68
N PHE A 186 29.12 -3.79 15.40
CA PHE A 186 28.69 -2.41 15.27
C PHE A 186 29.85 -1.44 15.53
N GLN A 187 30.06 -0.53 14.58
CA GLN A 187 31.06 0.53 14.69
C GLN A 187 30.35 1.86 14.42
N PHE A 188 30.72 2.88 15.21
CA PHE A 188 30.13 4.21 15.08
C PHE A 188 31.19 5.24 15.43
N LYS A 189 32.23 5.27 14.60
CA LYS A 189 33.47 5.99 14.86
C LYS A 189 33.86 6.78 13.61
N ASN A 190 34.75 7.76 13.79
CA ASN A 190 35.49 8.38 12.69
C ASN A 190 34.50 8.88 11.64
N VAL A 191 34.64 8.43 10.38
CA VAL A 191 33.85 8.98 9.29
C VAL A 191 32.37 8.76 9.60
N ARG A 192 32.02 7.54 10.00
CA ARG A 192 30.62 7.18 10.14
C ARG A 192 29.95 8.05 11.20
N PHE A 193 30.68 8.36 12.28
CA PHE A 193 30.10 9.12 13.37
C PHE A 193 29.68 10.49 12.86
N ILE A 194 30.49 11.07 11.98
CA ILE A 194 30.21 12.41 11.47
C ILE A 194 29.10 12.33 10.41
N THR A 195 29.18 11.39 9.47
CA THR A 195 28.27 11.37 8.34
C THR A 195 26.87 10.94 8.78
N ALA A 196 26.77 10.21 9.90
CA ALA A 196 25.51 9.65 10.33
C ALA A 196 24.55 10.74 10.80
N TYR A 197 25.08 11.89 11.26
CA TYR A 197 24.23 12.97 11.73
C TYR A 197 23.78 13.82 10.53
N GLY A 198 24.70 14.13 9.63
CA GLY A 198 24.36 14.85 8.41
C GLY A 198 23.26 14.15 7.60
N GLU A 199 23.37 12.82 7.47
CA GLU A 199 22.47 12.08 6.60
CA GLU A 199 22.47 12.05 6.62
C GLU A 199 21.03 12.16 7.14
N THR A 200 20.86 12.37 8.46
CA THR A 200 19.52 12.37 9.03
C THR A 200 18.80 13.69 8.76
N VAL A 201 19.52 14.76 8.40
CA VAL A 201 18.87 16.03 8.10
C VAL A 201 18.79 16.27 6.58
N PHE A 202 19.53 15.50 5.78
CA PHE A 202 19.49 15.70 4.34
C PHE A 202 18.06 15.57 3.81
N PRO A 203 17.23 14.62 4.30
CA PRO A 203 15.85 14.53 3.85
C PRO A 203 15.05 15.81 4.09
N ILE A 204 15.33 16.50 5.20
CA ILE A 204 14.62 17.73 5.54
C ILE A 204 15.11 18.87 4.64
N ASN A 205 16.44 19.01 4.50
CA ASN A 205 17.00 20.16 3.83
C ASN A 205 16.98 20.01 2.32
N LEU A 206 17.03 18.77 1.81
CA LEU A 206 17.23 18.55 0.37
C LEU A 206 16.08 17.78 -0.28
N PHE A 207 15.36 16.92 0.46
CA PHE A 207 14.29 16.13 -0.14
C PHE A 207 12.95 16.84 -0.03
N VAL A 208 12.85 17.81 0.87
CA VAL A 208 11.69 18.68 0.95
C VAL A 208 11.76 19.69 -0.17
N ASP A 209 10.61 19.91 -0.82
CA ASP A 209 10.52 20.77 -1.97
C ASP A 209 10.95 22.19 -1.58
N GLY A 210 11.72 22.84 -2.46
CA GLY A 210 12.33 24.12 -2.16
C GLY A 210 11.33 25.27 -2.10
N ARG A 211 10.09 25.05 -2.56
CA ARG A 211 9.05 26.06 -2.48
C ARG A 211 8.41 26.08 -1.09
N VAL A 212 8.72 25.08 -0.25
CA VAL A 212 8.30 25.07 1.14
C VAL A 212 9.33 25.85 1.97
N THR A 213 8.91 27.01 2.49
CA THR A 213 9.79 27.97 3.15
C THR A 213 9.78 27.76 4.67
N THR A 214 8.62 27.41 5.23
CA THR A 214 8.44 27.29 6.66
C THR A 214 7.94 25.87 6.98
N ASP A 215 8.30 25.36 8.17
CA ASP A 215 7.77 24.10 8.67
C ASP A 215 8.16 23.00 7.69
N ARG A 216 9.46 22.90 7.41
CA ARG A 216 9.96 21.96 6.42
C ARG A 216 9.81 20.55 6.99
N LYS A 217 9.08 19.70 6.26
CA LYS A 217 8.80 18.36 6.68
C LYS A 217 8.58 17.50 5.43
N LEU A 218 8.99 16.24 5.51
CA LEU A 218 8.95 15.36 4.35
C LEU A 218 7.80 14.35 4.50
N SER A 219 6.98 14.22 3.46
CA SER A 219 5.90 13.24 3.48
C SER A 219 6.48 11.84 3.27
N MET A 220 5.74 10.82 3.70
CA MET A 220 6.20 9.45 3.58
C MET A 220 6.16 9.02 2.12
N GLU A 221 5.21 9.56 1.35
CA GLU A 221 5.13 9.32 -0.09
C GLU A 221 6.42 9.80 -0.77
N ASP A 222 6.84 11.03 -0.45
CA ASP A 222 8.05 11.60 -1.06
C ASP A 222 9.27 10.82 -0.60
N ALA A 223 9.30 10.44 0.69
CA ALA A 223 10.41 9.66 1.23
C ALA A 223 10.53 8.33 0.49
N ALA A 224 9.42 7.61 0.34
CA ALA A 224 9.42 6.30 -0.31
C ALA A 224 9.88 6.44 -1.75
N SER A 225 9.39 7.48 -2.43
CA SER A 225 9.75 7.73 -3.82
C SER A 225 11.27 7.83 -3.98
N ILE A 226 11.94 8.56 -3.10
CA ILE A 226 13.38 8.79 -3.23
C ILE A 226 14.16 7.61 -2.67
N PHE A 227 13.88 7.22 -1.42
CA PHE A 227 14.63 6.19 -0.71
C PHE A 227 14.47 4.81 -1.36
N ARG A 228 13.24 4.47 -1.80
CA ARG A 228 12.98 3.15 -2.37
C ARG A 228 13.09 3.19 -3.90
N ASP A 229 12.40 4.12 -4.56
CA ASP A 229 12.23 4.05 -6.01
C ASP A 229 13.27 4.87 -6.76
N MET A 230 14.07 5.68 -6.05
CA MET A 230 15.09 6.50 -6.68
C MET A 230 14.44 7.49 -7.65
N ARG A 231 13.31 8.07 -7.25
CA ARG A 231 12.51 8.91 -8.12
CA ARG A 231 12.51 8.92 -8.12
C ARG A 231 12.19 10.22 -7.39
N PHE A 232 12.41 11.35 -8.07
CA PHE A 232 11.97 12.63 -7.56
C PHE A 232 10.45 12.63 -7.43
N PRO A 233 9.89 13.29 -6.39
CA PRO A 233 8.46 13.57 -6.38
C PRO A 233 8.10 14.31 -7.67
N ASP A 234 6.85 14.16 -8.12
CA ASP A 234 6.33 14.90 -9.26
C ASP A 234 6.56 16.38 -9.03
N ASP A 235 7.04 17.09 -10.08
CA ASP A 235 7.17 18.53 -10.06
C ASP A 235 8.16 18.99 -8.98
N PHE A 236 9.15 18.16 -8.67
CA PHE A 236 10.04 18.42 -7.55
C PHE A 236 10.89 19.65 -7.84
N HIS A 237 10.89 20.60 -6.90
CA HIS A 237 11.76 21.77 -6.94
C HIS A 237 12.83 21.63 -5.85
N ARG A 238 14.09 21.83 -6.24
CA ARG A 238 15.19 21.71 -5.30
C ARG A 238 15.14 22.84 -4.28
N SER A 239 15.86 22.65 -3.17
CA SER A 239 16.12 23.68 -2.17
C SER A 239 16.38 25.04 -2.83
N ALA A 240 15.82 26.09 -2.22
CA ALA A 240 15.92 27.45 -2.73
C ALA A 240 17.29 28.06 -2.43
N VAL A 241 18.06 27.40 -1.56
CA VAL A 241 19.43 27.82 -1.26
C VAL A 241 20.32 26.59 -1.24
N PRO A 242 21.64 26.75 -1.51
CA PRO A 242 22.62 25.69 -1.25
C PRO A 242 22.45 25.23 0.19
N ALA A 243 22.45 23.91 0.40
CA ALA A 243 22.25 23.37 1.73
C ALA A 243 22.92 22.02 1.85
N SER A 244 23.05 21.57 3.11
CA SER A 244 23.69 20.32 3.44
C SER A 244 23.19 19.88 4.81
N ASN A 245 23.99 20.09 5.86
CA ASN A 245 23.77 19.43 7.14
C ASN A 245 23.19 20.39 8.19
N GLU A 246 22.45 21.41 7.76
CA GLU A 246 21.85 22.34 8.72
C GLU A 246 20.95 21.56 9.66
N GLY A 247 21.17 21.74 10.97
CA GLY A 247 20.31 21.14 11.99
C GLY A 247 20.90 19.85 12.58
N ALA A 248 22.03 19.37 12.04
CA ALA A 248 22.62 18.12 12.49
C ALA A 248 23.08 18.21 13.95
N ASP A 249 23.54 19.40 14.35
CA ASP A 249 23.87 19.72 15.73
C ASP A 249 22.71 19.41 16.68
N GLN A 250 21.49 19.74 16.28
CA GLN A 250 20.31 19.58 17.13
C GLN A 250 19.92 18.09 17.25
N VAL A 251 20.23 17.30 16.22
CA VAL A 251 19.98 15.88 16.22
C VAL A 251 20.85 15.22 17.28
N LEU A 252 22.14 15.60 17.31
CA LEU A 252 23.06 15.13 18.32
C LEU A 252 22.60 15.59 19.70
N ALA A 253 22.21 16.87 19.82
CA ALA A 253 21.84 17.45 21.10
C ALA A 253 20.64 16.73 21.72
N ALA A 254 19.72 16.24 20.89
CA ALA A 254 18.53 15.55 21.38
C ALA A 254 18.89 14.26 22.12
N HIS A 255 19.99 13.60 21.71
CA HIS A 255 20.44 12.40 22.38
C HIS A 255 21.97 12.33 22.31
N PRO A 256 22.68 13.09 23.17
CA PRO A 256 24.15 13.13 23.13
C PRO A 256 24.74 11.73 23.05
N TRP A 257 25.72 11.58 22.17
CA TRP A 257 26.31 10.28 21.91
C TRP A 257 27.79 10.43 21.58
N VAL A 258 28.57 9.41 21.94
CA VAL A 258 30.01 9.46 21.81
C VAL A 258 30.44 8.38 20.82
N PRO A 259 31.42 8.66 19.93
CA PRO A 259 31.90 7.65 18.99
C PRO A 259 32.46 6.44 19.74
N GLY A 260 32.32 5.27 19.10
CA GLY A 260 32.76 4.02 19.68
C GLY A 260 32.22 2.84 18.87
N GLY A 261 32.00 1.71 19.57
CA GLY A 261 31.51 0.49 18.94
C GLY A 261 31.35 -0.63 19.96
N ASN A 262 30.62 -1.68 19.56
CA ASN A 262 30.56 -2.92 20.32
C ASN A 262 31.94 -3.58 20.32
N ALA A 263 32.47 -3.89 21.51
CA ALA A 263 33.78 -4.50 21.62
C ALA A 263 33.66 -6.02 21.72
N ASP A 264 34.72 -6.70 21.25
CA ASP A 264 34.93 -8.14 21.47
C ASP A 264 33.77 -8.96 20.92
N ASN A 265 33.26 -8.57 19.74
CA ASN A 265 32.32 -9.35 18.97
C ASN A 265 31.11 -9.73 19.83
N GLN A 266 30.65 -8.79 20.68
CA GLN A 266 29.52 -9.01 21.56
C GLN A 266 28.53 -7.86 21.41
N VAL A 267 27.23 -8.19 21.43
CA VAL A 267 26.18 -7.20 21.43
C VAL A 267 26.12 -6.52 22.81
N ASN A 268 25.36 -5.42 22.89
CA ASN A 268 25.17 -4.67 24.11
C ASN A 268 26.48 -4.46 24.85
N ASN A 269 27.52 -4.03 24.11
CA ASN A 269 28.86 -3.92 24.67
C ASN A 269 29.57 -2.71 24.05
N TYR A 270 28.92 -1.54 24.12
CA TYR A 270 29.42 -0.36 23.44
C TYR A 270 30.49 0.33 24.29
N VAL A 271 31.70 0.45 23.74
CA VAL A 271 32.83 1.10 24.38
C VAL A 271 33.17 2.37 23.58
N GLU A 272 33.36 3.48 24.31
CA GLU A 272 33.73 4.75 23.70
CA GLU A 272 33.74 4.74 23.71
C GLU A 272 35.15 4.64 23.12
N ASP A 273 35.37 5.34 22.00
CA ASP A 273 36.70 5.51 21.43
C ASP A 273 37.10 6.98 21.57
N PRO A 274 38.01 7.33 22.51
CA PRO A 274 38.39 8.72 22.74
C PRO A 274 39.27 9.34 21.65
N ASP A 275 39.84 8.50 20.78
CA ASP A 275 40.70 8.95 19.70
C ASP A 275 39.91 9.33 18.45
N SER A 276 38.65 8.90 18.35
CA SER A 276 37.83 9.13 17.17
C SER A 276 37.61 10.62 16.93
N ALA A 277 37.40 10.98 15.67
CA ALA A 277 36.84 12.29 15.36
C ALA A 277 35.48 12.44 16.03
N ASP A 278 35.13 13.69 16.33
CA ASP A 278 33.78 14.06 16.74
C ASP A 278 33.55 15.48 16.26
N PHE A 279 32.45 16.12 16.68
CA PHE A 279 32.04 17.38 16.08
C PHE A 279 32.86 18.56 16.60
N THR A 280 33.64 18.36 17.68
CA THR A 280 34.57 19.40 18.12
C THR A 280 36.00 18.99 17.80
N HIS A 281 36.19 17.87 17.08
CA HIS A 281 37.51 17.39 16.69
C HIS A 281 37.49 16.90 15.24
N LEU A 282 37.04 17.75 14.32
CA LEU A 282 36.78 17.34 12.94
C LEU A 282 38.06 16.99 12.18
N CYS A 283 39.18 17.69 12.45
CA CYS A 283 40.40 17.47 11.67
C CYS A 283 40.94 16.06 11.84
N ARG A 284 40.59 15.40 12.96
CA ARG A 284 40.95 14.01 13.15
C ARG A 284 40.41 13.16 12.01
N LEU A 285 39.23 13.53 11.49
CA LEU A 285 38.62 12.81 10.38
C LEU A 285 39.53 12.96 9.15
N TYR A 286 40.02 14.18 8.90
CA TYR A 286 40.93 14.42 7.78
C TYR A 286 42.14 13.50 7.92
N GLU A 287 42.75 13.49 9.11
CA GLU A 287 43.98 12.75 9.34
C GLU A 287 43.75 11.25 9.23
N PHE A 288 42.62 10.79 9.79
CA PHE A 288 42.27 9.38 9.74
C PHE A 288 42.18 8.94 8.29
N VAL A 289 41.45 9.71 7.47
CA VAL A 289 41.22 9.32 6.09
C VAL A 289 42.54 9.32 5.31
N VAL A 290 43.40 10.32 5.56
CA VAL A 290 44.68 10.34 4.85
C VAL A 290 45.46 9.08 5.22
N GLY A 291 45.42 8.68 6.49
CA GLY A 291 46.00 7.44 6.94
C GLY A 291 45.44 6.23 6.19
N SER A 292 44.09 6.20 6.04
CA SER A 292 43.45 5.10 5.34
C SER A 292 43.93 5.05 3.90
N VAL A 293 44.06 6.20 3.26
CA VAL A 293 44.52 6.27 1.88
C VAL A 293 45.94 5.69 1.78
N GLN A 294 46.80 5.96 2.76
CA GLN A 294 48.17 5.45 2.73
C GLN A 294 48.16 3.92 2.83
N GLU A 295 47.22 3.36 3.60
CA GLU A 295 47.07 1.92 3.71
C GLU A 295 46.62 1.34 2.37
N LEU A 296 45.73 2.05 1.65
CA LEU A 296 45.24 1.58 0.36
C LEU A 296 46.35 1.70 -0.69
N TYR A 297 47.18 2.72 -0.56
CA TYR A 297 48.19 3.06 -1.57
C TYR A 297 49.53 3.26 -0.88
N PRO A 298 50.21 2.16 -0.46
CA PRO A 298 51.46 2.27 0.29
C PRO A 298 52.66 2.81 -0.48
N ASN A 299 52.77 2.57 -1.78
CA ASN A 299 53.93 3.03 -2.54
C ASN A 299 53.57 3.29 -4.00
N PRO A 300 52.69 4.28 -4.30
CA PRO A 300 52.34 4.60 -5.69
C PRO A 300 53.42 5.37 -6.45
N THR A 301 53.47 5.17 -7.78
CA THR A 301 54.34 5.91 -8.68
C THR A 301 53.55 6.29 -9.93
N GLY A 302 54.14 7.12 -10.80
CA GLY A 302 53.54 7.45 -12.09
C GLY A 302 52.20 8.19 -11.97
N ILE A 303 51.26 7.87 -12.87
CA ILE A 303 49.98 8.55 -12.95
C ILE A 303 49.21 8.36 -11.65
N LEU A 304 49.30 7.16 -11.07
CA LEU A 304 48.57 6.87 -9.84
C LEU A 304 49.03 7.81 -8.73
N ARG A 305 50.35 7.98 -8.57
CA ARG A 305 50.89 8.87 -7.57
CA ARG A 305 50.89 8.87 -7.57
C ARG A 305 50.39 10.29 -7.83
N ARG A 306 50.51 10.73 -9.09
CA ARG A 306 50.10 12.07 -9.49
C ARG A 306 48.62 12.29 -9.17
N ASN A 307 47.77 11.34 -9.55
CA ASN A 307 46.34 11.53 -9.38
C ASN A 307 45.95 11.48 -7.91
N LEU A 308 46.70 10.71 -7.11
CA LEU A 308 46.47 10.68 -5.67
C LEU A 308 46.75 12.04 -5.07
N ILE A 309 47.89 12.63 -5.46
CA ILE A 309 48.32 13.90 -4.92
C ILE A 309 47.27 14.95 -5.25
N LYS A 310 46.79 14.95 -6.49
CA LYS A 310 45.80 15.94 -6.91
C LYS A 310 44.49 15.77 -6.14
N ASN A 311 44.02 14.52 -6.04
CA ASN A 311 42.73 14.26 -5.41
C ASN A 311 42.79 14.60 -3.92
N LEU A 312 43.96 14.36 -3.29
CA LEU A 312 44.13 14.65 -1.88
C LEU A 312 44.07 16.16 -1.67
N HIS A 313 44.69 16.91 -2.59
CA HIS A 313 44.65 18.36 -2.52
C HIS A 313 43.22 18.86 -2.73
N TYR A 314 42.54 18.33 -3.75
CA TYR A 314 41.15 18.71 -4.02
C TYR A 314 40.30 18.51 -2.76
N TRP A 315 40.46 17.34 -2.12
CA TRP A 315 39.66 17.05 -0.94
C TRP A 315 39.98 18.05 0.16
N TRP A 316 41.27 18.30 0.37
CA TRP A 316 41.70 19.23 1.40
C TRP A 316 41.06 20.61 1.21
N THR A 317 40.88 21.06 -0.04
CA THR A 317 40.36 22.41 -0.27
C THR A 317 38.96 22.50 0.32
N GLY A 318 38.19 21.41 0.22
CA GLY A 318 36.87 21.37 0.82
C GLY A 318 36.95 21.22 2.35
N VAL A 319 37.81 20.32 2.80
CA VAL A 319 37.94 20.02 4.22
C VAL A 319 38.37 21.27 4.98
N ASN A 320 39.32 22.01 4.41
CA ASN A 320 39.89 23.16 5.07
C ASN A 320 38.79 24.15 5.45
N VAL A 321 37.83 24.36 4.55
CA VAL A 321 36.72 25.26 4.80
C VAL A 321 35.71 24.60 5.71
N ALA A 322 35.27 23.38 5.38
CA ALA A 322 34.15 22.76 6.09
C ALA A 322 34.50 22.50 7.55
N PHE A 323 35.78 22.23 7.85
CA PHE A 323 36.18 21.85 9.19
C PHE A 323 36.79 23.03 9.94
N GLY A 324 36.85 24.21 9.29
CA GLY A 324 37.36 25.41 9.93
C GLY A 324 38.87 25.41 10.10
N GLY A 325 39.60 24.71 9.21
CA GLY A 325 41.05 24.82 9.13
C GLY A 325 41.75 23.54 9.60
N CYS A 326 42.40 22.83 8.67
CA CYS A 326 43.24 21.68 9.00
C CYS A 326 44.54 21.80 8.22
N ASP A 327 45.66 21.43 8.86
CA ASP A 327 46.95 21.43 8.20
C ASP A 327 46.98 20.34 7.13
N GLU A 328 47.30 20.74 5.89
CA GLU A 328 47.32 19.82 4.78
C GLU A 328 48.46 18.83 4.96
N LEU A 329 48.15 17.54 4.72
CA LEU A 329 49.18 16.50 4.75
C LEU A 329 49.60 16.18 3.31
N PHE A 330 50.88 15.80 3.15
CA PHE A 330 51.46 15.50 1.86
C PHE A 330 52.15 14.15 1.90
N PRO A 331 51.39 13.04 2.04
CA PRO A 331 51.99 11.71 2.19
C PRO A 331 52.82 11.26 0.98
N TYR A 332 52.58 11.85 -0.19
CA TYR A 332 53.32 11.49 -1.38
C TYR A 332 54.14 12.68 -1.90
N GLY A 333 54.35 13.69 -1.05
CA GLY A 333 55.04 14.90 -1.47
C GLY A 333 54.16 15.75 -2.38
N GLN A 334 54.82 16.44 -3.33
CA GLN A 334 54.15 17.34 -4.26
CA GLN A 334 54.15 17.34 -4.26
C GLN A 334 54.44 16.88 -5.70
N LEU A 335 53.72 17.49 -6.65
CA LEU A 335 53.87 17.16 -8.08
C LEU A 335 55.26 17.58 -8.56
N GLN B 1 -8.17 -27.58 -11.12
CA GLN B 1 -7.92 -27.33 -12.57
C GLN B 1 -9.01 -26.42 -13.14
N GLY B 2 -10.26 -26.90 -13.09
CA GLY B 2 -11.40 -26.21 -13.68
C GLY B 2 -12.16 -25.39 -12.64
N VAL B 3 -12.48 -24.14 -12.98
CA VAL B 3 -13.07 -23.18 -12.06
C VAL B 3 -14.50 -22.90 -12.48
N ASP B 4 -15.33 -22.56 -11.50
CA ASP B 4 -16.70 -22.14 -11.74
C ASP B 4 -16.75 -20.61 -11.73
N PRO B 5 -16.88 -19.93 -12.89
CA PRO B 5 -16.66 -18.49 -12.97
C PRO B 5 -17.84 -17.71 -12.39
N PRO B 6 -17.59 -16.79 -11.43
CA PRO B 6 -18.67 -16.05 -10.79
C PRO B 6 -19.18 -14.94 -11.71
N PRO B 7 -20.41 -14.43 -11.48
CA PRO B 7 -20.94 -13.32 -12.27
C PRO B 7 -20.08 -12.08 -12.02
N PRO B 8 -20.08 -11.09 -12.95
CA PRO B 8 -19.27 -9.89 -12.75
C PRO B 8 -19.71 -9.09 -11.53
N PRO B 9 -18.77 -8.39 -10.86
CA PRO B 9 -19.12 -7.42 -9.83
C PRO B 9 -20.04 -6.37 -10.43
N GLY B 10 -20.89 -5.79 -9.59
CA GLY B 10 -21.64 -4.60 -9.94
C GLY B 10 -20.79 -3.35 -9.68
N PRO B 11 -21.39 -2.15 -9.77
CA PRO B 11 -20.68 -0.90 -9.47
C PRO B 11 -20.14 -0.93 -8.04
N PRO B 12 -19.07 -0.15 -7.72
CA PRO B 12 -18.60 -0.07 -6.34
C PRO B 12 -19.62 0.67 -5.49
N SER B 13 -19.66 0.32 -4.19
CA SER B 13 -20.56 0.94 -3.23
CA SER B 13 -20.56 0.93 -3.23
C SER B 13 -20.36 2.45 -3.19
N PHE B 14 -19.07 2.88 -3.15
CA PHE B 14 -18.72 4.29 -3.17
C PHE B 14 -18.20 4.65 -4.56
N THR B 15 -18.77 5.70 -5.17
CA THR B 15 -18.46 6.07 -6.55
C THR B 15 -17.89 7.48 -6.63
N GLY B 16 -17.53 8.08 -5.48
CA GLY B 16 -16.94 9.41 -5.47
C GLY B 16 -15.43 9.34 -5.70
N THR B 17 -14.75 10.50 -5.65
CA THR B 17 -13.31 10.53 -5.82
C THR B 17 -12.66 10.02 -4.54
N LYS B 18 -11.44 9.52 -4.69
CA LYS B 18 -10.61 9.15 -3.55
C LYS B 18 -9.16 9.03 -4.04
N LEU B 19 -8.25 9.06 -3.07
CA LEU B 19 -6.85 8.80 -3.34
C LEU B 19 -6.69 7.33 -3.70
N VAL B 20 -6.16 7.04 -4.90
CA VAL B 20 -5.95 5.66 -5.30
C VAL B 20 -4.48 5.30 -5.26
N ASN B 21 -3.60 6.31 -5.39
CA ASN B 21 -2.16 6.11 -5.23
C ASN B 21 -1.82 6.27 -3.75
N ASP B 22 -2.16 5.24 -2.96
CA ASP B 22 -2.15 5.34 -1.50
C ASP B 22 -1.14 4.32 -0.96
N ALA B 23 -1.07 4.24 0.37
CA ALA B 23 -0.02 3.48 1.04
C ALA B 23 -0.14 1.99 0.73
N ASP B 24 -1.39 1.52 0.60
CA ASP B 24 -1.64 0.12 0.38
C ASP B 24 -1.38 -0.31 -1.07
N HIS B 25 -1.25 0.66 -1.99
CA HIS B 25 -1.10 0.37 -3.41
C HIS B 25 0.14 1.08 -3.95
N PRO B 26 1.35 0.73 -3.47
CA PRO B 26 2.59 1.34 -3.97
C PRO B 26 2.99 0.84 -5.34
N TRP B 27 3.52 1.73 -6.17
CA TRP B 27 4.19 1.31 -7.39
C TRP B 27 5.37 0.44 -7.01
N GLN B 28 5.61 -0.62 -7.81
CA GLN B 28 6.75 -1.48 -7.64
C GLN B 28 7.25 -1.90 -9.01
N PRO B 29 8.59 -2.07 -9.17
CA PRO B 29 9.14 -2.51 -10.45
C PRO B 29 8.74 -3.96 -10.77
N LEU B 30 8.89 -4.32 -12.04
CA LEU B 30 8.59 -5.65 -12.52
C LEU B 30 9.57 -6.64 -11.91
N ARG B 31 9.05 -7.81 -11.54
CA ARG B 31 9.87 -8.97 -11.24
C ARG B 31 9.85 -9.93 -12.43
N GLU B 32 10.75 -10.92 -12.39
CA GLU B 32 10.78 -11.96 -13.40
C GLU B 32 9.43 -12.66 -13.47
N GLY B 33 8.90 -12.79 -14.68
CA GLY B 33 7.62 -13.46 -14.90
C GLY B 33 6.42 -12.50 -14.94
N ASP B 34 6.59 -11.27 -14.43
CA ASP B 34 5.50 -10.30 -14.45
C ASP B 34 5.18 -9.90 -15.90
N ILE B 35 3.89 -9.84 -16.22
CA ILE B 35 3.40 -9.59 -17.56
C ILE B 35 2.79 -8.18 -17.61
N ARG B 36 3.11 -7.44 -18.67
CA ARG B 36 2.46 -6.18 -18.99
C ARG B 36 2.18 -6.19 -20.48
N GLY B 37 1.25 -5.33 -20.95
CA GLY B 37 0.81 -5.40 -22.32
C GLY B 37 0.44 -4.03 -22.89
N PRO B 38 -0.53 -3.99 -23.84
CA PRO B 38 -0.84 -2.76 -24.58
C PRO B 38 -1.76 -1.77 -23.88
N CYS B 39 -2.26 -2.14 -22.70
CA CYS B 39 -3.20 -1.30 -21.97
C CYS B 39 -2.53 -0.57 -20.81
N PRO B 40 -2.39 0.77 -20.89
CA PRO B 40 -1.78 1.55 -19.82
C PRO B 40 -2.62 1.52 -18.54
N GLY B 41 -3.94 1.35 -18.69
CA GLY B 41 -4.83 1.28 -17.53
C GLY B 41 -4.54 0.04 -16.69
N LEU B 42 -4.62 -1.12 -17.34
CA LEU B 42 -4.38 -2.38 -16.67
C LEU B 42 -2.93 -2.46 -16.19
N ASN B 43 -1.99 -1.99 -17.03
CA ASN B 43 -0.59 -2.00 -16.67
C ASN B 43 -0.36 -1.27 -15.34
N THR B 44 -0.96 -0.08 -15.19
CA THR B 44 -0.76 0.75 -14.01
C THR B 44 -1.42 0.09 -12.80
N LEU B 45 -2.61 -0.50 -13.00
CA LEU B 45 -3.30 -1.19 -11.92
C LEU B 45 -2.46 -2.35 -11.40
N ALA B 46 -1.83 -3.09 -12.31
CA ALA B 46 -0.97 -4.21 -11.92
C ALA B 46 0.28 -3.70 -11.18
N SER B 47 0.89 -2.64 -11.68
CA SER B 47 2.13 -2.14 -11.08
C SER B 47 1.88 -1.44 -9.75
N HIS B 48 0.61 -1.19 -9.38
CA HIS B 48 0.27 -0.62 -8.08
C HIS B 48 -0.44 -1.64 -7.19
N GLY B 49 -0.66 -2.86 -7.68
CA GLY B 49 -1.19 -3.93 -6.88
C GLY B 49 -2.72 -3.92 -6.79
N TYR B 50 -3.41 -3.12 -7.60
CA TYR B 50 -4.86 -3.21 -7.72
C TYR B 50 -5.24 -4.54 -8.38
N LEU B 51 -4.40 -4.97 -9.34
CA LEU B 51 -4.45 -6.31 -9.91
C LEU B 51 -3.27 -7.09 -9.36
N PRO B 52 -3.26 -8.45 -9.47
CA PRO B 52 -2.04 -9.21 -9.23
C PRO B 52 -0.88 -8.59 -10.00
N ARG B 53 0.24 -8.41 -9.31
CA ARG B 53 1.41 -7.74 -9.87
C ARG B 53 2.03 -8.51 -11.02
N ASP B 54 1.64 -9.78 -11.20
CA ASP B 54 2.19 -10.57 -12.29
C ASP B 54 1.41 -10.34 -13.58
N GLY B 55 0.35 -9.53 -13.52
CA GLY B 55 -0.39 -9.16 -14.73
C GLY B 55 -1.29 -10.27 -15.25
N VAL B 56 -1.63 -11.23 -14.37
CA VAL B 56 -2.58 -12.28 -14.71
C VAL B 56 -3.69 -12.24 -13.67
N ALA B 57 -4.94 -12.20 -14.14
CA ALA B 57 -6.06 -11.92 -13.26
C ALA B 57 -7.34 -12.57 -13.80
N THR B 58 -8.32 -12.72 -12.89
CA THR B 58 -9.66 -13.16 -13.27
C THR B 58 -10.40 -11.96 -13.86
N PRO B 59 -11.45 -12.20 -14.67
CA PRO B 59 -12.34 -11.13 -15.10
C PRO B 59 -12.88 -10.30 -13.93
N ALA B 60 -13.28 -10.99 -12.86
CA ALA B 60 -13.83 -10.35 -11.67
C ALA B 60 -12.82 -9.39 -11.07
N GLN B 61 -11.55 -9.82 -10.97
CA GLN B 61 -10.49 -8.97 -10.44
C GLN B 61 -10.30 -7.73 -11.30
N ILE B 62 -10.35 -7.91 -12.62
CA ILE B 62 -10.10 -6.82 -13.56
C ILE B 62 -11.20 -5.77 -13.41
N ILE B 63 -12.45 -6.21 -13.33
CA ILE B 63 -13.56 -5.29 -13.23
C ILE B 63 -13.45 -4.47 -11.96
N THR B 64 -13.22 -5.14 -10.81
CA THR B 64 -13.14 -4.45 -9.54
CA THR B 64 -13.15 -4.44 -9.54
C THR B 64 -11.94 -3.50 -9.55
N ALA B 65 -10.81 -3.93 -10.12
CA ALA B 65 -9.61 -3.09 -10.16
C ALA B 65 -9.82 -1.82 -10.99
N THR B 66 -10.51 -1.92 -12.14
CA THR B 66 -10.72 -0.74 -12.97
C THR B 66 -11.69 0.23 -12.28
N GLN B 67 -12.64 -0.31 -11.52
CA GLN B 67 -13.57 0.49 -10.74
C GLN B 67 -12.83 1.16 -9.58
N GLU B 68 -12.13 0.36 -8.75
CA GLU B 68 -11.45 0.90 -7.58
C GLU B 68 -10.40 1.94 -7.98
N GLY B 69 -9.60 1.62 -8.99
CA GLY B 69 -8.43 2.41 -9.34
C GLY B 69 -8.77 3.65 -10.17
N PHE B 70 -9.77 3.54 -11.07
CA PHE B 70 -10.00 4.61 -12.03
C PHE B 70 -11.47 5.06 -12.08
N ASN B 71 -12.36 4.35 -11.38
CA ASN B 71 -13.80 4.60 -11.45
C ASN B 71 -14.30 4.34 -12.86
N PHE B 72 -13.75 3.32 -13.52
CA PHE B 72 -14.25 2.90 -14.81
C PHE B 72 -15.68 2.42 -14.59
N GLU B 73 -16.59 2.88 -15.45
CA GLU B 73 -18.00 2.58 -15.29
C GLU B 73 -18.23 1.07 -15.46
N ASN B 74 -19.13 0.54 -14.64
CA ASN B 74 -19.34 -0.89 -14.47
C ASN B 74 -19.60 -1.60 -15.80
N ASN B 75 -20.52 -1.08 -16.60
CA ASN B 75 -20.89 -1.75 -17.84
C ASN B 75 -19.73 -1.68 -18.85
N ALA B 76 -19.01 -0.55 -18.90
CA ALA B 76 -17.86 -0.43 -19.77
C ALA B 76 -16.78 -1.44 -19.37
N ALA B 77 -16.61 -1.64 -18.07
CA ALA B 77 -15.68 -2.62 -17.54
C ALA B 77 -16.07 -4.04 -17.95
N ILE B 78 -17.38 -4.34 -17.92
CA ILE B 78 -17.88 -5.66 -18.26
C ILE B 78 -17.68 -5.90 -19.75
N VAL B 79 -18.01 -4.91 -20.58
CA VAL B 79 -17.85 -5.04 -22.02
C VAL B 79 -16.39 -5.29 -22.39
N ALA B 80 -15.47 -4.48 -21.84
CA ALA B 80 -14.06 -4.62 -22.18
C ALA B 80 -13.50 -5.93 -21.65
N THR B 81 -13.84 -6.29 -20.40
CA THR B 81 -13.16 -7.39 -19.74
C THR B 81 -13.52 -8.72 -20.39
N TYR B 82 -14.81 -8.98 -20.61
CA TYR B 82 -15.24 -10.28 -21.10
C TYR B 82 -14.95 -10.40 -22.60
N LEU B 83 -14.87 -9.27 -23.31
CA LEU B 83 -14.38 -9.27 -24.68
C LEU B 83 -12.95 -9.82 -24.69
N GLY B 84 -12.08 -9.18 -23.89
CA GLY B 84 -10.71 -9.62 -23.74
C GLY B 84 -10.62 -11.10 -23.33
N HIS B 85 -11.45 -11.50 -22.36
CA HIS B 85 -11.38 -12.84 -21.80
C HIS B 85 -11.86 -13.89 -22.80
N LEU B 86 -13.01 -13.65 -23.44
CA LEU B 86 -13.58 -14.60 -24.39
C LEU B 86 -12.57 -14.91 -25.50
N LEU B 87 -11.90 -13.88 -26.01
CA LEU B 87 -11.02 -13.99 -27.16
C LEU B 87 -9.62 -14.43 -26.74
N ASN B 88 -9.13 -13.95 -25.57
CA ASN B 88 -7.72 -14.04 -25.27
C ASN B 88 -7.42 -14.67 -23.91
N GLY B 89 -8.46 -15.07 -23.17
CA GLY B 89 -8.25 -15.65 -21.84
C GLY B 89 -8.50 -17.15 -21.83
N ASN B 90 -8.19 -17.76 -20.67
CA ASN B 90 -8.42 -19.17 -20.44
C ASN B 90 -9.73 -19.34 -19.67
N LEU B 91 -10.74 -19.85 -20.36
CA LEU B 91 -12.10 -19.89 -19.83
C LEU B 91 -12.24 -20.97 -18.76
N VAL B 92 -11.36 -21.98 -18.79
CA VAL B 92 -11.39 -23.07 -17.82
C VAL B 92 -10.80 -22.63 -16.50
N THR B 93 -9.63 -21.95 -16.53
CA THR B 93 -9.00 -21.50 -15.30
C THR B 93 -9.52 -20.12 -14.89
N ASP B 94 -10.21 -19.44 -15.82
CA ASP B 94 -10.80 -18.13 -15.56
C ASP B 94 -9.70 -17.10 -15.34
N LEU B 95 -8.61 -17.18 -16.13
CA LEU B 95 -7.48 -16.29 -16.00
C LEU B 95 -7.16 -15.66 -17.36
N LEU B 96 -6.84 -14.36 -17.32
CA LEU B 96 -6.48 -13.60 -18.51
C LEU B 96 -5.14 -12.91 -18.27
N SER B 97 -4.23 -13.03 -19.24
CA SER B 97 -2.99 -12.27 -19.28
C SER B 97 -3.24 -10.88 -19.87
N ILE B 98 -2.75 -9.83 -19.21
CA ILE B 98 -2.95 -8.49 -19.73
C ILE B 98 -1.92 -8.19 -20.81
N GLY B 99 -1.05 -9.16 -21.11
CA GLY B 99 -0.03 -9.01 -22.13
C GLY B 99 0.03 -10.25 -23.02
N GLY B 100 1.18 -10.92 -23.04
CA GLY B 100 1.42 -12.04 -23.93
C GLY B 100 1.18 -13.38 -23.25
N ALA B 101 1.65 -14.45 -23.90
CA ALA B 101 1.42 -15.81 -23.43
C ALA B 101 2.23 -16.07 -22.18
N THR B 102 1.68 -16.87 -21.27
CA THR B 102 2.35 -17.18 -20.03
C THR B 102 1.79 -18.49 -19.48
N PRO B 103 2.62 -19.36 -18.86
CA PRO B 103 2.11 -20.53 -18.15
C PRO B 103 1.19 -20.19 -16.98
N LYS B 104 1.26 -18.93 -16.50
CA LYS B 104 0.45 -18.49 -15.38
C LYS B 104 -1.06 -18.56 -15.67
N THR B 105 -1.48 -18.62 -16.93
CA THR B 105 -2.90 -18.75 -17.24
C THR B 105 -3.34 -20.21 -17.21
N GLY B 106 -2.37 -21.14 -17.10
CA GLY B 106 -2.66 -22.54 -16.88
C GLY B 106 -2.62 -23.36 -18.18
N PRO B 107 -3.06 -24.64 -18.14
CA PRO B 107 -3.02 -25.51 -19.32
C PRO B 107 -3.65 -24.86 -20.53
N PRO B 108 -2.96 -24.82 -21.69
CA PRO B 108 -3.50 -24.12 -22.86
C PRO B 108 -4.80 -24.77 -23.34
N PRO B 109 -5.75 -23.99 -23.92
CA PRO B 109 -6.99 -24.57 -24.44
C PRO B 109 -6.73 -25.28 -25.77
N PRO B 110 -7.67 -26.13 -26.24
CA PRO B 110 -7.53 -26.76 -27.57
C PRO B 110 -7.49 -25.74 -28.70
N PRO B 111 -6.52 -25.84 -29.64
CA PRO B 111 -6.48 -24.99 -30.83
C PRO B 111 -7.80 -25.06 -31.60
N PRO B 112 -8.22 -24.00 -32.34
CA PRO B 112 -7.41 -22.80 -32.53
C PRO B 112 -7.47 -21.73 -31.43
N ALA B 113 -8.14 -22.03 -30.31
CA ALA B 113 -8.10 -21.15 -29.15
C ALA B 113 -6.70 -21.15 -28.55
N HIS B 114 -6.35 -20.08 -27.84
CA HIS B 114 -4.96 -19.81 -27.51
C HIS B 114 -4.75 -19.26 -26.09
N ALA B 115 -5.67 -18.44 -25.58
CA ALA B 115 -5.51 -17.79 -24.28
C ALA B 115 -4.18 -17.06 -24.23
N GLY B 116 -3.86 -16.36 -25.32
CA GLY B 116 -2.55 -15.77 -25.54
C GLY B 116 -2.44 -14.35 -25.00
N GLY B 117 -3.53 -13.80 -24.44
CA GLY B 117 -3.52 -12.53 -23.75
C GLY B 117 -3.86 -11.36 -24.66
N LEU B 118 -3.92 -10.16 -24.07
CA LEU B 118 -4.35 -8.96 -24.76
C LEU B 118 -3.40 -8.56 -25.88
N ASN B 119 -2.18 -9.11 -25.89
CA ASN B 119 -1.21 -8.87 -26.95
C ASN B 119 -1.67 -9.44 -28.30
N VAL B 120 -2.58 -10.43 -28.31
CA VAL B 120 -2.98 -11.07 -29.55
C VAL B 120 -3.66 -10.05 -30.48
N HIS B 121 -3.13 -9.95 -31.70
CA HIS B 121 -3.54 -8.94 -32.67
C HIS B 121 -4.70 -9.45 -33.53
N GLY B 122 -5.63 -8.56 -33.90
CA GLY B 122 -6.44 -8.78 -35.08
C GLY B 122 -7.94 -8.83 -34.79
N THR B 123 -8.34 -9.21 -33.57
CA THR B 123 -9.76 -9.24 -33.25
C THR B 123 -10.10 -8.21 -32.16
N PHE B 124 -9.27 -8.12 -31.09
CA PHE B 124 -9.37 -7.03 -30.12
C PHE B 124 -8.26 -6.00 -30.39
N GLU B 125 -7.03 -6.27 -29.93
CA GLU B 125 -5.92 -5.34 -30.13
C GLU B 125 -5.77 -5.01 -31.62
N GLY B 126 -5.57 -3.73 -31.94
CA GLY B 126 -5.46 -3.29 -33.33
C GLY B 126 -4.61 -2.03 -33.51
N ASP B 127 -4.77 -1.40 -34.68
CA ASP B 127 -3.82 -0.45 -35.23
C ASP B 127 -4.17 1.00 -34.88
N ALA B 128 -3.22 1.90 -35.15
CA ALA B 128 -3.37 3.34 -34.99
C ALA B 128 -3.58 3.73 -33.53
N GLY B 129 -2.87 3.07 -32.62
CA GLY B 129 -2.88 3.44 -31.22
C GLY B 129 -2.03 4.70 -30.98
N MET B 130 -2.14 5.26 -29.77
CA MET B 130 -1.53 6.54 -29.46
C MET B 130 -0.05 6.36 -29.07
N THR B 131 0.24 5.39 -28.20
CA THR B 131 1.59 5.20 -27.71
C THR B 131 2.14 3.82 -28.06
N ARG B 132 1.34 2.98 -28.76
CA ARG B 132 1.82 1.68 -29.23
C ARG B 132 1.81 1.64 -30.76
N ALA B 133 2.80 0.97 -31.34
CA ALA B 133 2.95 0.86 -32.79
C ALA B 133 2.11 -0.31 -33.30
N ASP B 134 1.71 -0.26 -34.57
CA ASP B 134 0.93 -1.32 -35.20
C ASP B 134 1.74 -2.61 -35.19
N GLU B 135 1.03 -3.74 -35.07
CA GLU B 135 1.64 -5.05 -35.00
C GLU B 135 2.51 -5.35 -36.22
N PHE B 136 2.16 -4.80 -37.39
CA PHE B 136 2.90 -5.02 -38.62
C PHE B 136 4.38 -4.66 -38.42
N PHE B 137 4.66 -3.63 -37.61
CA PHE B 137 6.02 -3.13 -37.43
C PHE B 137 6.79 -3.96 -36.41
N GLY B 138 6.14 -4.91 -35.72
CA GLY B 138 6.86 -5.95 -34.99
C GLY B 138 6.65 -5.93 -33.47
N ASP B 139 5.98 -4.91 -32.92
CA ASP B 139 5.77 -4.84 -31.47
C ASP B 139 4.56 -3.97 -31.18
N ASN B 140 3.47 -4.62 -30.76
CA ASN B 140 2.17 -3.96 -30.61
C ASN B 140 1.89 -3.64 -29.14
N HIS B 141 2.87 -3.87 -28.24
CA HIS B 141 2.62 -3.85 -26.81
C HIS B 141 3.51 -2.84 -26.06
N SER B 142 4.77 -2.66 -26.50
CA SER B 142 5.69 -1.75 -25.83
C SER B 142 5.32 -0.30 -26.06
N PHE B 143 5.61 0.54 -25.06
CA PHE B 143 5.59 1.99 -25.23
C PHE B 143 6.57 2.39 -26.32
N ASN B 144 6.17 3.36 -27.15
CA ASN B 144 6.94 3.81 -28.28
C ASN B 144 7.12 5.33 -28.14
N GLN B 145 8.38 5.75 -27.93
CA GLN B 145 8.70 7.13 -27.60
C GLN B 145 8.37 8.03 -28.79
N THR B 146 8.65 7.56 -30.01
CA THR B 146 8.39 8.35 -31.22
C THR B 146 6.91 8.71 -31.29
N LEU B 147 6.03 7.75 -30.96
CA LEU B 147 4.60 8.00 -31.00
C LEU B 147 4.19 8.94 -29.87
N PHE B 148 4.84 8.80 -28.69
CA PHE B 148 4.54 9.67 -27.57
C PHE B 148 4.99 11.09 -27.92
N ASP B 149 6.09 11.22 -28.68
CA ASP B 149 6.54 12.52 -29.16
C ASP B 149 5.46 13.19 -30.01
N LYS B 150 4.77 12.40 -30.85
CA LYS B 150 3.65 12.89 -31.64
C LYS B 150 2.50 13.33 -30.74
N PHE B 151 2.21 12.54 -29.70
CA PHE B 151 1.21 12.90 -28.70
C PHE B 151 1.53 14.28 -28.11
N VAL B 152 2.80 14.49 -27.76
CA VAL B 152 3.25 15.75 -27.19
C VAL B 152 3.11 16.85 -28.25
N ASP B 153 3.55 16.58 -29.48
CA ASP B 153 3.48 17.59 -30.53
C ASP B 153 2.04 18.06 -30.72
N PHE B 154 1.10 17.10 -30.81
CA PHE B 154 -0.28 17.43 -31.07
C PHE B 154 -0.87 18.19 -29.89
N SER B 155 -0.47 17.81 -28.66
CA SER B 155 -0.86 18.52 -27.46
C SER B 155 -0.38 19.97 -27.50
N ASN B 156 0.86 20.19 -27.99
CA ASN B 156 1.38 21.53 -28.14
C ASN B 156 0.59 22.32 -29.18
N ARG B 157 0.27 21.68 -30.31
CA ARG B 157 -0.31 22.38 -31.44
C ARG B 157 -1.78 22.73 -31.19
N TYR B 158 -2.49 21.91 -30.41
CA TYR B 158 -3.95 22.00 -30.34
C TYR B 158 -4.49 22.12 -28.92
N GLY B 159 -3.65 21.89 -27.89
CA GLY B 159 -4.15 21.82 -26.53
C GLY B 159 -3.36 22.68 -25.54
N GLY B 160 -2.57 23.63 -26.05
CA GLY B 160 -1.84 24.53 -25.16
C GLY B 160 -0.73 23.80 -24.40
N GLY B 161 -0.30 22.64 -24.91
CA GLY B 161 0.72 21.82 -24.25
C GLY B 161 0.12 20.72 -23.37
N PHE B 162 -1.21 20.57 -23.42
CA PHE B 162 -1.94 19.56 -22.66
C PHE B 162 -2.80 18.73 -23.62
N TYR B 163 -3.15 17.51 -23.20
CA TYR B 163 -4.03 16.67 -23.99
C TYR B 163 -5.46 16.94 -23.54
N ASN B 164 -6.29 17.41 -24.48
CA ASN B 164 -7.70 17.66 -24.25
C ASN B 164 -8.46 17.12 -25.45
N LEU B 165 -9.79 17.35 -25.47
CA LEU B 165 -10.65 16.69 -26.44
C LEU B 165 -10.36 17.18 -27.86
N THR B 166 -9.97 18.45 -28.01
CA THR B 166 -9.56 18.97 -29.32
C THR B 166 -8.36 18.17 -29.84
N VAL B 167 -7.40 17.90 -28.96
CA VAL B 167 -6.17 17.21 -29.34
C VAL B 167 -6.52 15.77 -29.76
N ALA B 168 -7.42 15.14 -29.01
CA ALA B 168 -7.86 13.78 -29.28
C ALA B 168 -8.39 13.67 -30.71
N GLY B 169 -9.25 14.61 -31.10
CA GLY B 169 -9.80 14.62 -32.45
C GLY B 169 -8.72 14.65 -33.52
N GLU B 170 -7.73 15.52 -33.33
CA GLU B 170 -6.67 15.69 -34.32
C GLU B 170 -5.73 14.48 -34.32
N LEU B 171 -5.36 13.97 -33.13
CA LEU B 171 -4.37 12.93 -33.05
C LEU B 171 -4.92 11.63 -33.62
N ARG B 172 -6.19 11.32 -33.31
CA ARG B 172 -6.81 10.08 -33.75
C ARG B 172 -6.75 10.00 -35.27
N TYR B 173 -7.18 11.08 -35.93
CA TYR B 173 -7.20 11.11 -37.39
C TYR B 173 -5.79 10.98 -37.95
N SER B 174 -4.83 11.71 -37.37
CA SER B 174 -3.47 11.73 -37.89
C SER B 174 -2.84 10.34 -37.78
N ARG B 175 -3.13 9.64 -36.67
CA ARG B 175 -2.61 8.30 -36.46
C ARG B 175 -3.21 7.33 -37.47
N ILE B 176 -4.47 7.55 -37.84
CA ILE B 176 -5.10 6.74 -38.88
C ILE B 176 -4.33 6.96 -40.19
N GLN B 177 -4.08 8.23 -40.52
CA GLN B 177 -3.36 8.58 -41.74
C GLN B 177 -1.96 7.94 -41.76
N ASP B 178 -1.27 7.91 -40.61
CA ASP B 178 0.06 7.31 -40.52
C ASP B 178 0.00 5.85 -40.94
N SER B 179 -0.98 5.12 -40.40
CA SER B 179 -1.10 3.69 -40.65
C SER B 179 -1.50 3.43 -42.11
N ILE B 180 -2.37 4.27 -42.68
CA ILE B 180 -2.73 4.14 -44.09
C ILE B 180 -1.45 4.23 -44.94
N ALA B 181 -0.62 5.24 -44.64
CA ALA B 181 0.54 5.55 -45.46
C ALA B 181 1.66 4.52 -45.29
N THR B 182 1.75 3.85 -44.13
CA THR B 182 2.97 3.10 -43.80
C THR B 182 2.70 1.61 -43.55
N ASN B 183 1.44 1.23 -43.31
CA ASN B 183 1.16 -0.13 -42.89
C ASN B 183 0.26 -0.78 -43.94
N PRO B 184 0.80 -1.70 -44.77
CA PRO B 184 -0.01 -2.33 -45.81
C PRO B 184 -1.08 -3.29 -45.30
N GLU B 185 -0.96 -3.73 -44.03
CA GLU B 185 -1.91 -4.64 -43.41
C GLU B 185 -2.87 -3.89 -42.48
N PHE B 186 -2.91 -2.57 -42.60
CA PHE B 186 -3.72 -1.73 -41.71
C PHE B 186 -5.19 -2.14 -41.77
N GLN B 187 -5.77 -2.40 -40.59
CA GLN B 187 -7.18 -2.69 -40.43
C GLN B 187 -7.77 -1.72 -39.41
N PHE B 188 -8.97 -1.22 -39.67
CA PHE B 188 -9.66 -0.31 -38.78
C PHE B 188 -11.16 -0.59 -38.85
N LYS B 189 -11.53 -1.79 -38.42
CA LYS B 189 -12.86 -2.37 -38.61
C LYS B 189 -13.34 -2.96 -37.29
N ASN B 190 -14.67 -3.18 -37.20
CA ASN B 190 -15.25 -4.02 -36.17
C ASN B 190 -14.80 -3.54 -34.80
N VAL B 191 -14.19 -4.43 -34.01
CA VAL B 191 -13.86 -4.10 -32.62
C VAL B 191 -12.97 -2.86 -32.61
N ARG B 192 -11.92 -2.87 -33.44
CA ARG B 192 -10.92 -1.83 -33.37
C ARG B 192 -11.53 -0.47 -33.68
N PHE B 193 -12.48 -0.42 -34.61
CA PHE B 193 -13.05 0.85 -35.02
C PHE B 193 -13.75 1.48 -33.83
N ILE B 194 -14.40 0.66 -33.01
CA ILE B 194 -15.14 1.17 -31.87
C ILE B 194 -14.19 1.53 -30.74
N THR B 195 -13.23 0.63 -30.43
CA THR B 195 -12.39 0.81 -29.25
C THR B 195 -11.40 1.96 -29.47
N ALA B 196 -11.08 2.27 -30.73
CA ALA B 196 -10.05 3.25 -31.03
C ALA B 196 -10.52 4.67 -30.67
N TYR B 197 -11.83 4.91 -30.66
CA TYR B 197 -12.34 6.23 -30.33
C TYR B 197 -12.44 6.36 -28.81
N GLY B 198 -12.96 5.33 -28.13
CA GLY B 198 -13.01 5.30 -26.68
C GLY B 198 -11.65 5.53 -26.04
N GLU B 199 -10.62 4.87 -26.58
CA GLU B 199 -9.30 4.89 -25.97
CA GLU B 199 -9.29 4.88 -26.00
C GLU B 199 -8.72 6.31 -26.02
N THR B 200 -9.15 7.14 -26.99
CA THR B 200 -8.58 8.47 -27.14
C THR B 200 -9.13 9.44 -26.10
N VAL B 201 -10.28 9.12 -25.48
CA VAL B 201 -10.84 9.99 -24.46
C VAL B 201 -10.58 9.44 -23.05
N PHE B 202 -10.15 8.18 -22.93
CA PHE B 202 -9.90 7.61 -21.61
C PHE B 202 -8.87 8.46 -20.86
N PRO B 203 -7.80 8.97 -21.51
CA PRO B 203 -6.85 9.84 -20.83
C PRO B 203 -7.49 11.08 -20.22
N ILE B 204 -8.48 11.65 -20.90
CA ILE B 204 -9.16 12.85 -20.43
C ILE B 204 -10.08 12.49 -19.25
N ASN B 205 -10.89 11.43 -19.40
CA ASN B 205 -11.93 11.13 -18.44
C ASN B 205 -11.40 10.39 -17.22
N LEU B 206 -10.28 9.64 -17.38
CA LEU B 206 -9.83 8.72 -16.35
C LEU B 206 -8.41 9.01 -15.87
N PHE B 207 -7.54 9.59 -16.72
CA PHE B 207 -6.16 9.83 -16.30
C PHE B 207 -6.01 11.22 -15.71
N VAL B 208 -6.96 12.11 -16.00
CA VAL B 208 -7.00 13.41 -15.36
C VAL B 208 -7.54 13.22 -13.95
N ASP B 209 -6.91 13.92 -12.99
CA ASP B 209 -7.25 13.77 -11.59
C ASP B 209 -8.72 14.15 -11.38
N GLY B 210 -9.41 13.39 -10.53
CA GLY B 210 -10.85 13.55 -10.34
C GLY B 210 -11.23 14.83 -9.59
N ARG B 211 -10.25 15.50 -8.97
CA ARG B 211 -10.51 16.76 -8.30
C ARG B 211 -10.51 17.92 -9.30
N VAL B 212 -10.11 17.66 -10.54
CA VAL B 212 -10.27 18.64 -11.62
C VAL B 212 -11.67 18.51 -12.20
N THR B 213 -12.53 19.52 -11.96
CA THR B 213 -13.92 19.49 -12.40
C THR B 213 -14.09 20.28 -13.69
N THR B 214 -13.30 21.35 -13.85
CA THR B 214 -13.40 22.23 -14.99
C THR B 214 -12.14 22.13 -15.86
N ASP B 215 -12.34 22.20 -17.18
CA ASP B 215 -11.24 22.31 -18.13
C ASP B 215 -10.33 21.08 -18.00
N ARG B 216 -10.91 19.89 -18.14
CA ARG B 216 -10.17 18.66 -17.93
C ARG B 216 -9.14 18.49 -19.05
N LYS B 217 -7.87 18.37 -18.66
CA LYS B 217 -6.77 18.27 -19.60
C LYS B 217 -5.63 17.53 -18.91
N LEU B 218 -4.88 16.74 -19.68
CA LEU B 218 -3.84 15.88 -19.12
C LEU B 218 -2.47 16.47 -19.43
N SER B 219 -1.62 16.60 -18.39
CA SER B 219 -0.26 17.07 -18.58
C SER B 219 0.59 15.97 -19.20
N MET B 220 1.68 16.35 -19.84
CA MET B 220 2.55 15.40 -20.50
C MET B 220 3.32 14.58 -19.46
N GLU B 221 3.61 15.21 -18.31
CA GLU B 221 4.22 14.50 -17.18
C GLU B 221 3.31 13.34 -16.73
N ASP B 222 2.02 13.63 -16.55
CA ASP B 222 1.07 12.62 -16.07
C ASP B 222 0.89 11.54 -17.13
N ALA B 223 0.82 11.95 -18.40
CA ALA B 223 0.69 11.02 -19.50
C ALA B 223 1.88 10.06 -19.52
N ALA B 224 3.11 10.59 -19.44
CA ALA B 224 4.31 9.77 -19.52
C ALA B 224 4.35 8.79 -18.35
N SER B 225 4.00 9.28 -17.16
CA SER B 225 3.98 8.46 -15.97
C SER B 225 3.12 7.20 -16.17
N ILE B 226 1.93 7.37 -16.76
CA ILE B 226 0.99 6.27 -16.90
C ILE B 226 1.34 5.43 -18.14
N PHE B 227 1.46 6.09 -19.30
CA PHE B 227 1.66 5.39 -20.57
C PHE B 227 3.02 4.67 -20.61
N ARG B 228 4.09 5.31 -20.07
CA ARG B 228 5.42 4.74 -20.16
C ARG B 228 5.75 3.95 -18.89
N ASP B 229 5.57 4.56 -17.71
CA ASP B 229 6.11 4.00 -16.48
C ASP B 229 5.08 3.15 -15.73
N MET B 230 3.82 3.16 -16.17
CA MET B 230 2.77 2.38 -15.52
CA MET B 230 2.76 2.40 -15.51
C MET B 230 2.61 2.83 -14.06
N ARG B 231 2.66 4.16 -13.84
CA ARG B 231 2.67 4.72 -12.50
CA ARG B 231 2.67 4.72 -12.50
C ARG B 231 1.62 5.83 -12.40
N PHE B 232 0.80 5.77 -11.36
CA PHE B 232 -0.12 6.86 -11.07
C PHE B 232 0.67 8.12 -10.78
N PRO B 233 0.20 9.31 -11.21
CA PRO B 233 0.76 10.57 -10.71
C PRO B 233 0.73 10.55 -9.18
N ASP B 234 1.68 11.27 -8.56
CA ASP B 234 1.68 11.46 -7.12
C ASP B 234 0.31 11.97 -6.69
N ASP B 235 -0.22 11.40 -5.59
CA ASP B 235 -1.45 11.86 -4.95
C ASP B 235 -2.64 11.74 -5.90
N PHE B 236 -2.62 10.75 -6.80
CA PHE B 236 -3.62 10.67 -7.84
C PHE B 236 -4.99 10.34 -7.24
N HIS B 237 -5.99 11.15 -7.59
CA HIS B 237 -7.37 10.89 -7.21
C HIS B 237 -8.16 10.50 -8.46
N ARG B 238 -8.89 9.38 -8.36
CA ARG B 238 -9.69 8.89 -9.47
C ARG B 238 -10.82 9.84 -9.79
N SER B 239 -11.38 9.70 -10.99
CA SER B 239 -12.59 10.38 -11.43
C SER B 239 -13.62 10.41 -10.30
N ALA B 240 -14.32 11.54 -10.18
CA ALA B 240 -15.30 11.77 -9.12
C ALA B 240 -16.61 11.05 -9.43
N VAL B 241 -16.76 10.57 -10.68
CA VAL B 241 -17.91 9.78 -11.08
C VAL B 241 -17.43 8.60 -11.92
N PRO B 242 -18.20 7.48 -11.97
CA PRO B 242 -17.96 6.43 -12.94
C PRO B 242 -17.91 7.05 -14.33
N ALA B 243 -16.93 6.66 -15.14
CA ALA B 243 -16.76 7.22 -16.47
C ALA B 243 -16.11 6.21 -17.40
N SER B 244 -16.20 6.50 -18.70
CA SER B 244 -15.62 5.69 -19.74
C SER B 244 -15.36 6.55 -20.97
N ASN B 245 -16.27 6.50 -21.96
CA ASN B 245 -15.98 6.99 -23.29
C ASN B 245 -16.72 8.29 -23.58
N GLU B 246 -17.01 9.09 -22.54
CA GLU B 246 -17.67 10.37 -22.75
C GLU B 246 -16.82 11.22 -23.69
N GLY B 247 -17.45 11.71 -24.78
CA GLY B 247 -16.80 12.63 -25.71
C GLY B 247 -16.23 11.95 -26.95
N ALA B 248 -16.31 10.61 -27.03
CA ALA B 248 -15.76 9.87 -28.15
C ALA B 248 -16.48 10.23 -29.46
N ASP B 249 -17.79 10.51 -29.36
CA ASP B 249 -18.58 11.00 -30.47
C ASP B 249 -17.96 12.25 -31.11
N GLN B 250 -17.45 13.17 -30.29
CA GLN B 250 -16.92 14.43 -30.78
C GLN B 250 -15.57 14.23 -31.46
N VAL B 251 -14.83 13.20 -31.04
CA VAL B 251 -13.55 12.86 -31.66
C VAL B 251 -13.79 12.40 -33.08
N LEU B 252 -14.82 11.54 -33.26
CA LEU B 252 -15.22 11.08 -34.58
C LEU B 252 -15.72 12.26 -35.41
N ALA B 253 -16.55 13.13 -34.80
CA ALA B 253 -17.16 14.25 -35.51
C ALA B 253 -16.10 15.21 -36.07
N ALA B 254 -14.97 15.37 -35.36
CA ALA B 254 -13.90 16.26 -35.81
C ALA B 254 -13.31 15.82 -37.15
N HIS B 255 -13.27 14.50 -37.39
CA HIS B 255 -12.76 13.97 -38.64
C HIS B 255 -13.54 12.70 -38.99
N PRO B 256 -14.77 12.84 -39.53
CA PRO B 256 -15.61 11.69 -39.89
C PRO B 256 -14.80 10.63 -40.62
N TRP B 257 -15.02 9.37 -40.23
CA TRP B 257 -14.22 8.27 -40.74
C TRP B 257 -15.06 7.00 -40.75
N VAL B 258 -14.78 6.14 -41.73
CA VAL B 258 -15.58 4.96 -41.95
C VAL B 258 -14.69 3.74 -41.73
N PRO B 259 -15.21 2.67 -41.08
CA PRO B 259 -14.43 1.44 -40.90
C PRO B 259 -13.99 0.86 -42.24
N GLY B 260 -12.82 0.23 -42.22
CA GLY B 260 -12.23 -0.33 -43.43
C GLY B 260 -10.79 -0.76 -43.17
N GLY B 261 -9.97 -0.72 -44.23
CA GLY B 261 -8.58 -1.12 -44.16
C GLY B 261 -7.88 -0.96 -45.51
N ASN B 262 -6.55 -0.99 -45.48
CA ASN B 262 -5.74 -1.07 -46.68
C ASN B 262 -5.96 -2.43 -47.33
N ALA B 263 -6.31 -2.42 -48.63
CA ALA B 263 -6.56 -3.67 -49.34
C ALA B 263 -5.30 -4.13 -50.09
N ASP B 264 -5.21 -5.44 -50.31
CA ASP B 264 -4.27 -6.07 -51.22
C ASP B 264 -2.83 -5.73 -50.85
N ASN B 265 -2.53 -5.73 -49.54
CA ASN B 265 -1.17 -5.61 -49.02
C ASN B 265 -0.47 -4.39 -49.62
N GLN B 266 -1.21 -3.29 -49.78
CA GLN B 266 -0.68 -2.06 -50.35
C GLN B 266 -1.00 -0.89 -49.43
N VAL B 267 -0.05 0.04 -49.31
CA VAL B 267 -0.24 1.27 -48.55
C VAL B 267 -1.13 2.20 -49.37
N ASN B 268 -1.61 3.27 -48.72
CA ASN B 268 -2.45 4.29 -49.34
C ASN B 268 -3.53 3.65 -50.19
N ASN B 269 -4.24 2.66 -49.64
CA ASN B 269 -5.22 1.90 -50.40
C ASN B 269 -6.39 1.51 -49.49
N TYR B 270 -6.99 2.52 -48.84
CA TYR B 270 -8.00 2.28 -47.82
C TYR B 270 -9.36 2.09 -48.49
N VAL B 271 -9.97 0.92 -48.26
CA VAL B 271 -11.28 0.57 -48.77
C VAL B 271 -12.25 0.47 -47.59
N GLU B 272 -13.41 1.11 -47.72
CA GLU B 272 -14.45 1.05 -46.70
CA GLU B 272 -14.45 1.05 -46.70
C GLU B 272 -15.03 -0.36 -46.63
N ASP B 273 -15.39 -0.80 -45.41
CA ASP B 273 -16.13 -2.04 -45.20
C ASP B 273 -17.52 -1.69 -44.67
N PRO B 274 -18.58 -1.79 -45.51
CA PRO B 274 -19.92 -1.40 -45.07
C PRO B 274 -20.61 -2.37 -44.11
N ASP B 275 -20.06 -3.58 -43.97
CA ASP B 275 -20.60 -4.60 -43.07
C ASP B 275 -20.09 -4.44 -41.63
N SER B 276 -19.02 -3.67 -41.44
CA SER B 276 -18.40 -3.49 -40.13
C SER B 276 -19.38 -2.82 -39.16
N ALA B 277 -19.18 -3.09 -37.87
CA ALA B 277 -19.80 -2.26 -36.84
C ALA B 277 -19.37 -0.81 -37.01
N ASP B 278 -20.23 0.11 -36.56
CA ASP B 278 -19.89 1.51 -36.38
C ASP B 278 -20.74 2.02 -35.22
N PHE B 279 -20.77 3.34 -35.00
CA PHE B 279 -21.35 3.89 -33.77
C PHE B 279 -22.87 3.94 -33.84
N THR B 280 -23.46 3.74 -35.02
CA THR B 280 -24.90 3.61 -35.13
C THR B 280 -25.29 2.15 -35.41
N HIS B 281 -24.30 1.24 -35.37
CA HIS B 281 -24.54 -0.18 -35.59
C HIS B 281 -23.71 -1.01 -34.59
N LEU B 282 -23.86 -0.72 -33.29
CA LEU B 282 -23.00 -1.31 -32.26
C LEU B 282 -23.20 -2.81 -32.11
N CYS B 283 -24.43 -3.31 -32.26
CA CYS B 283 -24.70 -4.72 -32.00
C CYS B 283 -24.00 -5.60 -33.02
N ARG B 284 -23.62 -5.06 -34.18
CA ARG B 284 -22.79 -5.82 -35.12
C ARG B 284 -21.50 -6.26 -34.45
N LEU B 285 -20.97 -5.43 -33.55
CA LEU B 285 -19.76 -5.77 -32.83
C LEU B 285 -20.04 -7.00 -31.96
N TYR B 286 -21.19 -7.01 -31.28
CA TYR B 286 -21.59 -8.15 -30.47
C TYR B 286 -21.62 -9.42 -31.32
N GLU B 287 -22.29 -9.33 -32.48
CA GLU B 287 -22.48 -10.48 -33.35
C GLU B 287 -21.15 -10.96 -33.93
N PHE B 288 -20.32 -10.00 -34.35
CA PHE B 288 -19.02 -10.33 -34.91
C PHE B 288 -18.22 -11.14 -33.89
N VAL B 289 -18.18 -10.65 -32.65
CA VAL B 289 -17.37 -11.29 -31.63
C VAL B 289 -17.92 -12.67 -31.30
N VAL B 290 -19.25 -12.82 -31.25
CA VAL B 290 -19.82 -14.12 -30.97
C VAL B 290 -19.36 -15.10 -32.06
N GLY B 291 -19.37 -14.64 -33.32
CA GLY B 291 -18.85 -15.42 -34.42
C GLY B 291 -17.38 -15.79 -34.22
N SER B 292 -16.56 -14.82 -33.80
CA SER B 292 -15.14 -15.08 -33.58
C SER B 292 -14.95 -16.13 -32.50
N VAL B 293 -15.76 -16.06 -31.44
CA VAL B 293 -15.66 -17.03 -30.35
C VAL B 293 -15.92 -18.44 -30.89
N GLN B 294 -16.91 -18.57 -31.78
CA GLN B 294 -17.26 -19.87 -32.33
C GLN B 294 -16.11 -20.41 -33.18
N GLU B 295 -15.38 -19.53 -33.87
CA GLU B 295 -14.21 -19.94 -34.63
C GLU B 295 -13.11 -20.44 -33.70
N LEU B 296 -12.94 -19.80 -32.53
CA LEU B 296 -11.93 -20.21 -31.57
C LEU B 296 -12.34 -21.54 -30.92
N TYR B 297 -13.65 -21.73 -30.72
CA TYR B 297 -14.16 -22.86 -29.97
C TYR B 297 -15.29 -23.50 -30.76
N PRO B 298 -15.01 -24.26 -31.85
CA PRO B 298 -16.07 -24.81 -32.70
C PRO B 298 -16.95 -25.89 -32.07
N ASN B 299 -16.37 -26.72 -31.19
CA ASN B 299 -17.12 -27.83 -30.61
C ASN B 299 -16.62 -28.10 -29.19
N PRO B 300 -16.82 -27.17 -28.23
CA PRO B 300 -16.40 -27.39 -26.84
C PRO B 300 -17.33 -28.35 -26.09
N THR B 301 -16.75 -29.00 -25.06
CA THR B 301 -17.48 -29.90 -24.19
C THR B 301 -17.04 -29.63 -22.75
N GLY B 302 -17.76 -30.20 -21.78
CA GLY B 302 -17.35 -30.18 -20.38
C GLY B 302 -17.35 -28.77 -19.79
N ILE B 303 -16.35 -28.51 -18.93
CA ILE B 303 -16.25 -27.26 -18.20
C ILE B 303 -16.07 -26.11 -19.20
N LEU B 304 -15.30 -26.35 -20.26
CA LEU B 304 -15.04 -25.33 -21.27
C LEU B 304 -16.34 -24.85 -21.91
N ARG B 305 -17.22 -25.79 -22.29
CA ARG B 305 -18.51 -25.46 -22.87
CA ARG B 305 -18.50 -25.44 -22.87
C ARG B 305 -19.30 -24.62 -21.86
N ARG B 306 -19.38 -25.13 -20.63
CA ARG B 306 -20.13 -24.49 -19.57
C ARG B 306 -19.60 -23.07 -19.34
N ASN B 307 -18.29 -22.91 -19.22
CA ASN B 307 -17.70 -21.62 -18.90
C ASN B 307 -17.86 -20.64 -20.08
N LEU B 308 -17.87 -21.16 -21.31
CA LEU B 308 -18.12 -20.33 -22.48
C LEU B 308 -19.53 -19.73 -22.40
N ILE B 309 -20.50 -20.58 -22.07
CA ILE B 309 -21.89 -20.15 -22.02
C ILE B 309 -22.05 -19.07 -20.96
N LYS B 310 -21.45 -19.28 -19.80
CA LYS B 310 -21.56 -18.33 -18.71
C LYS B 310 -20.89 -17.00 -19.07
N ASN B 311 -19.68 -17.07 -19.62
CA ASN B 311 -18.93 -15.86 -19.94
C ASN B 311 -19.63 -15.07 -21.05
N LEU B 312 -20.29 -15.77 -21.99
CA LEU B 312 -21.00 -15.11 -23.06
C LEU B 312 -22.20 -14.36 -22.49
N HIS B 313 -22.89 -14.98 -21.52
CA HIS B 313 -23.99 -14.32 -20.83
C HIS B 313 -23.48 -13.10 -20.06
N TYR B 314 -22.40 -13.28 -19.30
CA TYR B 314 -21.82 -12.18 -18.55
C TYR B 314 -21.52 -11.01 -19.47
N TRP B 315 -20.88 -11.28 -20.61
CA TRP B 315 -20.53 -10.23 -21.55
C TRP B 315 -21.80 -9.51 -22.02
N TRP B 316 -22.81 -10.31 -22.40
CA TRP B 316 -24.06 -9.75 -22.88
C TRP B 316 -24.69 -8.79 -21.86
N THR B 317 -24.57 -9.08 -20.55
CA THR B 317 -25.22 -8.24 -19.55
C THR B 317 -24.65 -6.82 -19.66
N GLY B 318 -23.35 -6.70 -19.93
CA GLY B 318 -22.76 -5.38 -20.12
C GLY B 318 -23.12 -4.81 -21.50
N VAL B 319 -23.03 -5.64 -22.53
CA VAL B 319 -23.27 -5.20 -23.90
C VAL B 319 -24.69 -4.65 -24.03
N ASN B 320 -25.65 -5.35 -23.41
CA ASN B 320 -27.06 -4.99 -23.56
C ASN B 320 -27.28 -3.54 -23.14
N VAL B 321 -26.63 -3.12 -22.05
CA VAL B 321 -26.78 -1.76 -21.55
C VAL B 321 -25.91 -0.83 -22.38
N ALA B 322 -24.62 -1.15 -22.55
CA ALA B 322 -23.70 -0.22 -23.16
C ALA B 322 -24.06 0.08 -24.62
N PHE B 323 -24.65 -0.90 -25.32
CA PHE B 323 -24.93 -0.74 -26.74
C PHE B 323 -26.39 -0.38 -26.97
N GLY B 324 -27.16 -0.21 -25.90
CA GLY B 324 -28.54 0.23 -26.00
C GLY B 324 -29.49 -0.86 -26.50
N GLY B 325 -29.16 -2.13 -26.23
CA GLY B 325 -30.06 -3.25 -26.47
C GLY B 325 -29.61 -4.10 -27.65
N CYS B 326 -29.21 -5.35 -27.36
CA CYS B 326 -28.85 -6.33 -28.38
C CYS B 326 -29.51 -7.65 -28.02
N ASP B 327 -29.99 -8.37 -29.04
CA ASP B 327 -30.60 -9.68 -28.82
C ASP B 327 -29.49 -10.65 -28.42
N GLU B 328 -29.68 -11.33 -27.27
CA GLU B 328 -28.67 -12.25 -26.78
C GLU B 328 -28.57 -13.45 -27.72
N LEU B 329 -27.33 -13.83 -28.06
CA LEU B 329 -27.10 -15.01 -28.86
C LEU B 329 -26.63 -16.14 -27.94
N PHE B 330 -26.97 -17.38 -28.30
CA PHE B 330 -26.66 -18.55 -27.49
C PHE B 330 -26.04 -19.62 -28.39
N PRO B 331 -24.80 -19.41 -28.86
CA PRO B 331 -24.19 -20.32 -29.82
C PRO B 331 -23.97 -21.75 -29.31
N TYR B 332 -23.96 -21.94 -27.99
CA TYR B 332 -23.78 -23.26 -27.42
C TYR B 332 -25.01 -23.68 -26.61
N GLY B 333 -26.15 -23.02 -26.86
CA GLY B 333 -27.37 -23.31 -26.11
C GLY B 333 -27.33 -22.73 -24.70
N GLN B 334 -28.06 -23.38 -23.78
CA GLN B 334 -28.24 -22.92 -22.41
CA GLN B 334 -28.22 -22.91 -22.41
C GLN B 334 -27.73 -23.97 -21.43
N LEU B 335 -27.61 -23.57 -20.15
CA LEU B 335 -27.15 -24.48 -19.10
C LEU B 335 -28.29 -25.39 -18.61
N GLN C 1 -18.70 16.25 6.70
CA GLN C 1 -18.08 14.90 6.58
C GLN C 1 -17.53 14.45 7.94
N GLY C 2 -16.68 15.29 8.56
CA GLY C 2 -15.88 14.88 9.70
C GLY C 2 -16.48 15.33 11.04
N VAL C 3 -16.43 14.44 12.03
CA VAL C 3 -17.01 14.65 13.34
C VAL C 3 -15.89 14.77 14.37
N ASP C 4 -16.11 15.54 15.43
CA ASP C 4 -15.21 15.63 16.56
C ASP C 4 -15.72 14.71 17.66
N PRO C 5 -15.08 13.53 17.91
CA PRO C 5 -15.66 12.52 18.79
C PRO C 5 -15.54 12.89 20.26
N PRO C 6 -16.65 12.90 21.03
CA PRO C 6 -16.62 13.28 22.44
C PRO C 6 -16.05 12.14 23.29
N PRO C 7 -15.59 12.43 24.52
CA PRO C 7 -15.11 11.38 25.42
C PRO C 7 -16.26 10.45 25.78
N PRO C 8 -15.98 9.19 26.18
CA PRO C 8 -17.04 8.25 26.52
C PRO C 8 -17.85 8.74 27.73
N PRO C 9 -19.15 8.39 27.80
CA PRO C 9 -19.92 8.58 29.01
C PRO C 9 -19.24 7.85 30.16
N GLY C 10 -19.48 8.36 31.38
CA GLY C 10 -19.14 7.66 32.60
C GLY C 10 -20.27 6.70 32.98
N PRO C 11 -20.21 6.10 34.19
CA PRO C 11 -21.25 5.19 34.67
C PRO C 11 -22.61 5.87 34.67
N PRO C 12 -23.72 5.10 34.62
CA PRO C 12 -25.04 5.72 34.69
C PRO C 12 -25.26 6.30 36.08
N SER C 13 -26.06 7.38 36.16
CA SER C 13 -26.34 8.06 37.41
CA SER C 13 -26.34 8.05 37.42
C SER C 13 -26.93 7.08 38.44
N PHE C 14 -27.88 6.26 37.97
CA PHE C 14 -28.52 5.24 38.79
C PHE C 14 -28.03 3.86 38.32
N THR C 15 -27.54 3.04 39.27
CA THR C 15 -26.92 1.77 38.94
C THR C 15 -27.69 0.60 39.56
N GLY C 16 -28.89 0.83 40.09
CA GLY C 16 -29.71 -0.24 40.64
C GLY C 16 -30.54 -0.92 39.55
N THR C 17 -31.39 -1.88 39.95
CA THR C 17 -32.24 -2.58 38.99
C THR C 17 -33.36 -1.66 38.55
N LYS C 18 -33.89 -1.92 37.34
CA LYS C 18 -35.11 -1.29 36.87
C LYS C 18 -35.66 -2.08 35.69
N LEU C 19 -36.93 -1.83 35.37
CA LEU C 19 -37.57 -2.39 34.20
C LEU C 19 -36.94 -1.76 32.97
N VAL C 20 -36.38 -2.57 32.07
CA VAL C 20 -35.76 -2.03 30.86
C VAL C 20 -36.61 -2.34 29.64
N ASN C 21 -37.43 -3.40 29.73
CA ASN C 21 -38.40 -3.73 28.70
C ASN C 21 -39.68 -2.95 28.98
N ASP C 22 -39.67 -1.65 28.70
CA ASP C 22 -40.71 -0.74 29.16
C ASP C 22 -41.38 -0.10 27.95
N ALA C 23 -42.30 0.84 28.20
CA ALA C 23 -43.16 1.38 27.15
C ALA C 23 -42.35 2.18 26.14
N ASP C 24 -41.29 2.85 26.62
CA ASP C 24 -40.48 3.69 25.76
C ASP C 24 -39.54 2.86 24.88
N HIS C 25 -39.34 1.58 25.22
CA HIS C 25 -38.36 0.74 24.53
C HIS C 25 -39.04 -0.56 24.08
N PRO C 26 -40.04 -0.48 23.17
CA PRO C 26 -40.70 -1.68 22.67
C PRO C 26 -39.84 -2.43 21.65
N TRP C 27 -39.88 -3.77 21.72
CA TRP C 27 -39.34 -4.57 20.64
C TRP C 27 -40.09 -4.25 19.36
N GLN C 28 -39.36 -4.19 18.25
CA GLN C 28 -39.95 -4.01 16.94
C GLN C 28 -39.19 -4.84 15.92
N PRO C 29 -39.89 -5.40 14.90
CA PRO C 29 -39.25 -6.27 13.93
C PRO C 29 -38.27 -5.49 13.07
N LEU C 30 -37.33 -6.23 12.48
CA LEU C 30 -36.34 -5.65 11.58
C LEU C 30 -37.05 -5.12 10.35
N ARG C 31 -36.61 -3.94 9.90
CA ARG C 31 -36.98 -3.39 8.61
C ARG C 31 -35.83 -3.64 7.65
N GLU C 32 -36.12 -3.58 6.34
CA GLU C 32 -35.10 -3.57 5.30
C GLU C 32 -34.03 -2.53 5.62
N GLY C 33 -32.76 -2.95 5.63
CA GLY C 33 -31.67 -2.01 5.83
C GLY C 33 -31.18 -1.96 7.27
N ASP C 34 -32.00 -2.46 8.21
CA ASP C 34 -31.57 -2.59 9.60
C ASP C 34 -30.45 -3.63 9.70
N ILE C 35 -29.40 -3.29 10.46
CA ILE C 35 -28.21 -4.12 10.60
C ILE C 35 -28.21 -4.77 11.98
N ARG C 36 -27.92 -6.08 11.98
CA ARG C 36 -27.71 -6.84 13.21
C ARG C 36 -26.48 -7.71 12.97
N GLY C 37 -25.86 -8.19 14.04
CA GLY C 37 -24.58 -8.88 13.91
C GLY C 37 -24.40 -9.96 14.96
N PRO C 38 -23.14 -10.21 15.39
CA PRO C 38 -22.82 -11.36 16.23
C PRO C 38 -23.05 -11.17 17.72
N CYS C 39 -23.43 -9.95 18.12
CA CYS C 39 -23.59 -9.64 19.54
C CYS C 39 -25.07 -9.62 19.92
N PRO C 40 -25.54 -10.57 20.73
CA PRO C 40 -26.94 -10.60 21.18
C PRO C 40 -27.27 -9.40 22.06
N GLY C 41 -26.26 -8.86 22.77
CA GLY C 41 -26.49 -7.71 23.63
C GLY C 41 -26.86 -6.48 22.80
N LEU C 42 -25.97 -6.13 21.87
CA LEU C 42 -26.19 -4.97 21.01
C LEU C 42 -27.42 -5.19 20.13
N ASN C 43 -27.59 -6.41 19.62
CA ASN C 43 -28.75 -6.73 18.79
C ASN C 43 -30.05 -6.41 19.53
N THR C 44 -30.14 -6.84 20.80
CA THR C 44 -31.36 -6.65 21.60
C THR C 44 -31.57 -5.17 21.90
N LEU C 45 -30.48 -4.45 22.18
CA LEU C 45 -30.56 -3.03 22.46
C LEU C 45 -31.10 -2.28 21.24
N ALA C 46 -30.64 -2.66 20.05
CA ALA C 46 -31.10 -2.02 18.82
C ALA C 46 -32.58 -2.34 18.58
N SER C 47 -32.97 -3.60 18.78
CA SER C 47 -34.33 -4.00 18.51
C SER C 47 -35.34 -3.48 19.54
N HIS C 48 -34.86 -2.90 20.65
CA HIS C 48 -35.72 -2.26 21.64
C HIS C 48 -35.56 -0.73 21.62
N GLY C 49 -34.69 -0.21 20.76
CA GLY C 49 -34.56 1.22 20.59
C GLY C 49 -33.65 1.88 21.62
N TYR C 50 -32.88 1.09 22.39
CA TYR C 50 -31.82 1.65 23.22
C TYR C 50 -30.70 2.19 22.33
N LEU C 51 -30.45 1.48 21.21
CA LEU C 51 -29.60 1.96 20.12
C LEU C 51 -30.50 2.37 18.95
N PRO C 52 -29.99 3.15 17.98
CA PRO C 52 -30.69 3.33 16.71
C PRO C 52 -31.10 1.97 16.15
N ARG C 53 -32.35 1.86 15.71
CA ARG C 53 -32.92 0.59 15.30
C ARG C 53 -32.27 0.05 14.03
N ASP C 54 -31.54 0.89 13.30
CA ASP C 54 -30.88 0.44 12.08
C ASP C 54 -29.52 -0.21 12.40
N GLY C 55 -29.12 -0.24 13.68
CA GLY C 55 -27.93 -0.98 14.09
C GLY C 55 -26.62 -0.29 13.72
N VAL C 56 -26.69 1.04 13.51
CA VAL C 56 -25.50 1.86 13.33
C VAL C 56 -25.54 2.95 14.39
N ALA C 57 -24.41 3.15 15.08
CA ALA C 57 -24.39 3.97 16.28
C ALA C 57 -23.00 4.53 16.52
N THR C 58 -22.94 5.61 17.32
CA THR C 58 -21.68 6.16 17.79
C THR C 58 -21.20 5.31 18.95
N PRO C 59 -19.88 5.33 19.25
CA PRO C 59 -19.37 4.70 20.47
C PRO C 59 -20.09 5.16 21.72
N ALA C 60 -20.34 6.48 21.82
CA ALA C 60 -21.02 7.07 22.96
C ALA C 60 -22.40 6.44 23.13
N GLN C 61 -23.14 6.30 22.03
CA GLN C 61 -24.47 5.71 22.09
C GLN C 61 -24.41 4.26 22.57
N ILE C 62 -23.41 3.51 22.12
CA ILE C 62 -23.28 2.10 22.45
C ILE C 62 -23.01 1.96 23.96
N ILE C 63 -22.12 2.80 24.49
CA ILE C 63 -21.78 2.72 25.90
C ILE C 63 -23.02 3.02 26.75
N THR C 64 -23.74 4.10 26.44
CA THR C 64 -24.90 4.48 27.22
CA THR C 64 -24.90 4.49 27.22
C THR C 64 -25.97 3.39 27.11
N ALA C 65 -26.14 2.82 25.91
CA ALA C 65 -27.15 1.78 25.69
C ALA C 65 -26.85 0.53 26.50
N THR C 66 -25.59 0.09 26.56
CA THR C 66 -25.24 -1.12 27.31
C THR C 66 -25.44 -0.89 28.82
N GLN C 67 -25.17 0.34 29.28
CA GLN C 67 -25.40 0.71 30.67
C GLN C 67 -26.91 0.78 30.97
N GLU C 68 -27.66 1.54 30.18
CA GLU C 68 -29.07 1.74 30.45
C GLU C 68 -29.82 0.42 30.36
N GLY C 69 -29.53 -0.37 29.32
CA GLY C 69 -30.27 -1.59 29.02
C GLY C 69 -29.89 -2.77 29.90
N PHE C 70 -28.60 -2.92 30.22
CA PHE C 70 -28.14 -4.14 30.87
C PHE C 70 -27.30 -3.90 32.12
N ASN C 71 -26.99 -2.63 32.42
CA ASN C 71 -26.08 -2.28 33.51
C ASN C 71 -24.69 -2.87 33.25
N PHE C 72 -24.27 -2.86 31.99
CA PHE C 72 -22.91 -3.25 31.66
C PHE C 72 -21.98 -2.25 32.33
N GLU C 73 -20.93 -2.74 32.99
CA GLU C 73 -20.02 -1.87 33.74
C GLU C 73 -19.28 -0.94 32.77
N ASN C 74 -19.13 0.31 33.21
CA ASN C 74 -18.67 1.41 32.39
C ASN C 74 -17.35 1.09 31.68
N ASN C 75 -16.35 0.63 32.43
CA ASN C 75 -15.03 0.41 31.85
C ASN C 75 -15.06 -0.79 30.91
N ALA C 76 -15.83 -1.82 31.23
CA ALA C 76 -15.99 -2.97 30.33
C ALA C 76 -16.65 -2.52 29.02
N ALA C 77 -17.60 -1.60 29.12
CA ALA C 77 -18.26 -1.03 27.96
C ALA C 77 -17.27 -0.23 27.11
N ILE C 78 -16.38 0.51 27.76
CA ILE C 78 -15.39 1.32 27.06
C ILE C 78 -14.38 0.41 26.36
N VAL C 79 -13.93 -0.62 27.05
CA VAL C 79 -12.97 -1.56 26.46
C VAL C 79 -13.56 -2.23 25.22
N ALA C 80 -14.80 -2.75 25.32
CA ALA C 80 -15.41 -3.43 24.21
C ALA C 80 -15.72 -2.46 23.07
N THR C 81 -16.27 -1.29 23.38
CA THR C 81 -16.82 -0.42 22.35
C THR C 81 -15.70 0.17 21.48
N TYR C 82 -14.64 0.70 22.10
CA TYR C 82 -13.60 1.37 21.34
C TYR C 82 -12.69 0.35 20.67
N LEU C 83 -12.60 -0.86 21.21
CA LEU C 83 -11.95 -1.94 20.50
C LEU C 83 -12.67 -2.18 19.17
N GLY C 84 -13.98 -2.41 19.26
CA GLY C 84 -14.82 -2.59 18.08
C GLY C 84 -14.70 -1.41 17.10
N HIS C 85 -14.74 -0.19 17.63
CA HIS C 85 -14.73 1.01 16.80
C HIS C 85 -13.37 1.20 16.11
N LEU C 86 -12.28 1.10 16.88
CA LEU C 86 -10.94 1.29 16.34
C LEU C 86 -10.69 0.35 15.15
N LEU C 87 -11.11 -0.91 15.30
CA LEU C 87 -10.83 -1.96 14.32
C LEU C 87 -11.87 -1.96 13.20
N ASN C 88 -13.14 -1.68 13.51
CA ASN C 88 -14.24 -1.99 12.62
C ASN C 88 -15.16 -0.82 12.35
N GLY C 89 -14.89 0.35 12.95
CA GLY C 89 -15.75 1.51 12.76
C GLY C 89 -15.11 2.58 11.88
N ASN C 90 -15.90 3.60 11.56
CA ASN C 90 -15.45 4.75 10.78
C ASN C 90 -15.11 5.88 11.74
N LEU C 91 -13.81 6.17 11.86
CA LEU C 91 -13.30 7.07 12.86
C LEU C 91 -13.61 8.52 12.50
N VAL C 92 -13.80 8.79 11.19
CA VAL C 92 -14.08 10.13 10.71
C VAL C 92 -15.54 10.50 10.97
N THR C 93 -16.48 9.59 10.68
CA THR C 93 -17.89 9.87 10.92
C THR C 93 -18.30 9.47 12.35
N ASP C 94 -17.43 8.73 13.05
CA ASP C 94 -17.70 8.27 14.42
C ASP C 94 -18.90 7.32 14.45
N LEU C 95 -19.00 6.44 13.45
CA LEU C 95 -20.10 5.49 13.38
C LEU C 95 -19.56 4.06 13.27
N LEU C 96 -20.21 3.14 13.99
CA LEU C 96 -19.89 1.73 13.97
C LEU C 96 -21.14 0.93 13.63
N SER C 97 -21.00 0.00 12.67
CA SER C 97 -22.02 -1.00 12.39
C SER C 97 -21.93 -2.15 13.38
N ILE C 98 -23.05 -2.57 13.96
CA ILE C 98 -23.01 -3.67 14.91
C ILE C 98 -23.02 -5.00 14.15
N GLY C 99 -23.06 -4.92 12.82
CA GLY C 99 -23.02 -6.11 11.98
C GLY C 99 -22.03 -5.92 10.83
N GLY C 100 -22.54 -5.99 9.59
CA GLY C 100 -21.70 -5.96 8.40
C GLY C 100 -21.58 -4.57 7.79
N ALA C 101 -21.07 -4.53 6.56
CA ALA C 101 -20.78 -3.28 5.89
C ALA C 101 -22.08 -2.57 5.51
N THR C 102 -22.03 -1.24 5.53
CA THR C 102 -23.21 -0.45 5.19
C THR C 102 -22.75 0.93 4.78
N PRO C 103 -23.38 1.57 3.77
CA PRO C 103 -23.13 2.99 3.47
C PRO C 103 -23.49 3.93 4.62
N LYS C 104 -24.30 3.45 5.58
CA LYS C 104 -24.72 4.25 6.73
C LYS C 104 -23.54 4.71 7.58
N THR C 105 -22.38 4.04 7.49
CA THR C 105 -21.21 4.47 8.26
C THR C 105 -20.44 5.54 7.50
N GLY C 106 -20.80 5.79 6.24
CA GLY C 106 -20.25 6.90 5.47
C GLY C 106 -19.12 6.47 4.54
N PRO C 107 -18.42 7.44 3.90
CA PRO C 107 -17.34 7.13 2.95
C PRO C 107 -16.33 6.16 3.57
N PRO C 108 -15.99 5.06 2.88
CA PRO C 108 -15.07 4.07 3.45
C PRO C 108 -13.70 4.68 3.70
N PRO C 109 -12.96 4.23 4.75
CA PRO C 109 -11.64 4.75 5.04
C PRO C 109 -10.61 4.19 4.07
N PRO C 110 -9.39 4.77 4.00
CA PRO C 110 -8.32 4.22 3.16
C PRO C 110 -7.91 2.81 3.58
N PRO C 111 -7.81 1.84 2.63
CA PRO C 111 -7.31 0.50 2.94
C PRO C 111 -5.93 0.57 3.58
N PRO C 112 -5.52 -0.40 4.43
CA PRO C 112 -6.28 -1.61 4.74
C PRO C 112 -7.45 -1.50 5.72
N ALA C 113 -7.71 -0.29 6.24
CA ALA C 113 -8.86 -0.06 7.09
C ALA C 113 -10.14 -0.23 6.27
N HIS C 114 -11.27 -0.55 6.93
CA HIS C 114 -12.45 -1.02 6.23
C HIS C 114 -13.77 -0.50 6.82
N ALA C 115 -13.84 -0.31 8.15
CA ALA C 115 -15.06 0.12 8.81
C ALA C 115 -16.19 -0.83 8.45
N GLY C 116 -15.88 -2.13 8.46
CA GLY C 116 -16.78 -3.16 7.96
C GLY C 116 -17.72 -3.72 9.02
N GLY C 117 -17.59 -3.24 10.27
CA GLY C 117 -18.50 -3.58 11.35
C GLY C 117 -18.02 -4.79 12.15
N LEU C 118 -18.79 -5.13 13.19
CA LEU C 118 -18.46 -6.17 14.15
C LEU C 118 -18.39 -7.55 13.49
N ASN C 119 -18.99 -7.69 12.30
CA ASN C 119 -18.95 -8.94 11.55
C ASN C 119 -17.54 -9.32 11.12
N VAL C 120 -16.63 -8.34 10.99
CA VAL C 120 -15.30 -8.61 10.48
C VAL C 120 -14.57 -9.60 11.39
N HIS C 121 -14.07 -10.68 10.79
CA HIS C 121 -13.43 -11.78 11.48
C HIS C 121 -11.93 -11.54 11.66
N GLY C 122 -11.37 -12.00 12.78
CA GLY C 122 -9.95 -12.30 12.83
C GLY C 122 -9.15 -11.47 13.85
N THR C 123 -9.63 -10.27 14.19
CA THR C 123 -8.95 -9.48 15.22
C THR C 123 -9.86 -9.28 16.43
N PHE C 124 -11.16 -9.00 16.22
CA PHE C 124 -12.15 -8.99 17.31
C PHE C 124 -13.01 -10.26 17.24
N GLU C 125 -14.03 -10.29 16.37
CA GLU C 125 -14.91 -11.44 16.22
C GLU C 125 -14.06 -12.69 15.95
N GLY C 126 -14.39 -13.80 16.62
CA GLY C 126 -13.63 -15.02 16.48
C GLY C 126 -14.46 -16.28 16.78
N ASP C 127 -13.73 -17.37 17.00
CA ASP C 127 -14.25 -18.72 16.86
C ASP C 127 -14.74 -19.26 18.20
N ALA C 128 -15.47 -20.39 18.12
CA ALA C 128 -15.96 -21.14 19.28
C ALA C 128 -16.96 -20.33 20.09
N GLY C 129 -17.85 -19.59 19.40
CA GLY C 129 -18.96 -18.91 20.04
C GLY C 129 -20.04 -19.91 20.45
N MET C 130 -21.02 -19.45 21.24
CA MET C 130 -22.03 -20.31 21.81
C MET C 130 -23.18 -20.53 20.84
N THR C 131 -23.65 -19.45 20.20
CA THR C 131 -24.82 -19.53 19.33
C THR C 131 -24.47 -19.12 17.89
N ARG C 132 -23.21 -18.77 17.63
CA ARG C 132 -22.76 -18.45 16.27
C ARG C 132 -21.67 -19.44 15.85
N ALA C 133 -21.66 -19.80 14.56
CA ALA C 133 -20.68 -20.71 13.99
C ALA C 133 -19.42 -19.94 13.61
N ASP C 134 -18.28 -20.65 13.58
CA ASP C 134 -17.01 -20.07 13.15
C ASP C 134 -17.13 -19.57 11.72
N GLU C 135 -16.38 -18.50 11.42
CA GLU C 135 -16.42 -17.84 10.12
C GLU C 135 -16.02 -18.81 9.00
N PHE C 136 -15.16 -19.79 9.29
CA PHE C 136 -14.73 -20.76 8.29
C PHE C 136 -15.93 -21.45 7.65
N PHE C 137 -16.99 -21.70 8.42
CA PHE C 137 -18.15 -22.43 7.95
C PHE C 137 -19.13 -21.54 7.19
N GLY C 138 -18.87 -20.22 7.11
CA GLY C 138 -19.52 -19.38 6.12
C GLY C 138 -20.41 -18.28 6.70
N ASP C 139 -20.73 -18.33 7.99
CA ASP C 139 -21.63 -17.34 8.57
C ASP C 139 -21.34 -17.19 10.07
N ASN C 140 -20.71 -16.08 10.43
CA ASN C 140 -20.21 -15.86 11.77
C ASN C 140 -21.13 -14.95 12.58
N HIS C 141 -22.30 -14.58 12.01
CA HIS C 141 -23.13 -13.55 12.60
C HIS C 141 -24.54 -14.05 12.92
N SER C 142 -25.10 -14.94 12.10
CA SER C 142 -26.47 -15.42 12.31
C SER C 142 -26.54 -16.38 13.50
N PHE C 143 -27.69 -16.36 14.17
CA PHE C 143 -28.03 -17.40 15.13
C PHE C 143 -28.04 -18.75 14.44
N ASN C 144 -27.53 -19.77 15.14
CA ASN C 144 -27.38 -21.12 14.62
C ASN C 144 -28.10 -22.07 15.57
N GLN C 145 -29.18 -22.69 15.08
CA GLN C 145 -30.07 -23.51 15.89
C GLN C 145 -29.32 -24.75 16.41
N THR C 146 -28.46 -25.34 15.57
CA THR C 146 -27.72 -26.54 15.94
C THR C 146 -26.87 -26.24 17.18
N LEU C 147 -26.23 -25.07 17.20
CA LEU C 147 -25.39 -24.68 18.33
C LEU C 147 -26.25 -24.35 19.55
N PHE C 148 -27.41 -23.75 19.33
CA PHE C 148 -28.32 -23.45 20.43
C PHE C 148 -28.84 -24.76 21.03
N ASP C 149 -29.01 -25.79 20.18
CA ASP C 149 -29.39 -27.13 20.66
C ASP C 149 -28.34 -27.67 21.62
N LYS C 150 -27.06 -27.44 21.30
CA LYS C 150 -25.96 -27.84 22.18
C LYS C 150 -26.03 -27.04 23.49
N PHE C 151 -26.32 -25.74 23.39
CA PHE C 151 -26.50 -24.89 24.56
C PHE C 151 -27.57 -25.49 25.48
N VAL C 152 -28.70 -25.90 24.89
CA VAL C 152 -29.80 -26.48 25.63
C VAL C 152 -29.36 -27.82 26.23
N ASP C 153 -28.70 -28.64 25.40
CA ASP C 153 -28.26 -29.94 25.87
C ASP C 153 -27.37 -29.79 27.09
N PHE C 154 -26.36 -28.91 27.00
CA PHE C 154 -25.40 -28.74 28.07
C PHE C 154 -26.09 -28.18 29.31
N SER C 155 -27.07 -27.29 29.12
CA SER C 155 -27.87 -26.77 30.22
C SER C 155 -28.64 -27.89 30.91
N ASN C 156 -29.17 -28.83 30.13
CA ASN C 156 -29.87 -29.98 30.67
C ASN C 156 -28.91 -30.88 31.45
N ARG C 157 -27.72 -31.11 30.88
CA ARG C 157 -26.79 -32.10 31.42
C ARG C 157 -26.11 -31.58 32.69
N TYR C 158 -25.89 -30.26 32.80
CA TYR C 158 -25.03 -29.72 33.83
C TYR C 158 -25.69 -28.63 34.67
N GLY C 159 -26.87 -28.14 34.29
CA GLY C 159 -27.46 -26.99 34.96
C GLY C 159 -28.93 -27.17 35.33
N GLY C 160 -29.41 -28.42 35.34
CA GLY C 160 -30.79 -28.69 35.74
C GLY C 160 -31.80 -28.13 34.74
N GLY C 161 -31.35 -27.90 33.49
CA GLY C 161 -32.19 -27.35 32.45
C GLY C 161 -32.06 -25.83 32.31
N PHE C 162 -31.11 -25.26 33.05
CA PHE C 162 -30.83 -23.82 33.04
C PHE C 162 -29.35 -23.61 32.74
N TYR C 163 -29.00 -22.43 32.23
CA TYR C 163 -27.60 -22.08 32.02
C TYR C 163 -27.07 -21.41 33.28
N ASN C 164 -26.06 -22.01 33.90
CA ASN C 164 -25.39 -21.47 35.06
C ASN C 164 -23.88 -21.63 34.87
N LEU C 165 -23.10 -21.29 35.91
CA LEU C 165 -21.65 -21.19 35.80
C LEU C 165 -21.04 -22.57 35.47
N THR C 166 -21.61 -23.64 36.02
CA THR C 166 -21.11 -24.98 35.74
C THR C 166 -21.27 -25.26 34.24
N VAL C 167 -22.41 -24.87 33.68
CA VAL C 167 -22.70 -25.13 32.27
C VAL C 167 -21.72 -24.34 31.40
N ALA C 168 -21.45 -23.10 31.79
CA ALA C 168 -20.52 -22.23 31.06
C ALA C 168 -19.15 -22.90 30.92
N GLY C 169 -18.64 -23.43 32.04
CA GLY C 169 -17.34 -24.09 32.03
C GLY C 169 -17.31 -25.26 31.04
N GLU C 170 -18.37 -26.07 31.04
CA GLU C 170 -18.43 -27.26 30.20
C GLU C 170 -18.61 -26.85 28.74
N LEU C 171 -19.51 -25.89 28.46
CA LEU C 171 -19.85 -25.56 27.09
C LEU C 171 -18.67 -24.89 26.40
N ARG C 172 -17.99 -23.99 27.11
CA ARG C 172 -16.85 -23.26 26.58
C ARG C 172 -15.80 -24.25 26.06
N TYR C 173 -15.42 -25.22 26.90
CA TYR C 173 -14.41 -26.19 26.55
C TYR C 173 -14.87 -27.02 25.35
N SER C 174 -16.12 -27.48 25.39
CA SER C 174 -16.63 -28.36 24.36
C SER C 174 -16.64 -27.66 23.00
N ARG C 175 -17.00 -26.36 23.00
CA ARG C 175 -17.04 -25.57 21.78
C ARG C 175 -15.62 -25.37 21.24
N ILE C 176 -14.63 -25.25 22.13
CA ILE C 176 -13.25 -25.18 21.70
C ILE C 176 -12.89 -26.48 20.97
N GLN C 177 -13.26 -27.61 21.59
CA GLN C 177 -12.96 -28.92 21.02
C GLN C 177 -13.62 -29.08 19.64
N ASP C 178 -14.86 -28.59 19.49
CA ASP C 178 -15.56 -28.67 18.22
C ASP C 178 -14.74 -27.99 17.12
N SER C 179 -14.26 -26.77 17.41
CA SER C 179 -13.53 -25.98 16.44
C SER C 179 -12.18 -26.62 16.10
N ILE C 180 -11.49 -27.18 17.11
CA ILE C 180 -10.24 -27.88 16.86
C ILE C 180 -10.47 -28.99 15.84
N ALA C 181 -11.54 -29.77 16.06
CA ALA C 181 -11.80 -30.98 15.28
C ALA C 181 -12.28 -30.64 13.87
N THR C 182 -12.95 -29.51 13.67
CA THR C 182 -13.70 -29.29 12.44
C THR C 182 -13.22 -28.07 11.66
N ASN C 183 -12.45 -27.18 12.27
CA ASN C 183 -12.11 -25.92 11.63
C ASN C 183 -10.59 -25.83 11.49
N PRO C 184 -10.04 -26.00 10.27
CA PRO C 184 -8.59 -25.96 10.08
C PRO C 184 -7.96 -24.59 10.28
N GLU C 185 -8.80 -23.53 10.23
CA GLU C 185 -8.35 -22.16 10.38
C GLU C 185 -8.63 -21.64 11.80
N PHE C 186 -8.98 -22.54 12.72
CA PHE C 186 -9.36 -22.18 14.07
C PHE C 186 -8.25 -21.38 14.75
N GLN C 187 -8.62 -20.21 15.28
CA GLN C 187 -7.74 -19.35 16.05
C GLN C 187 -8.40 -19.05 17.41
N PHE C 188 -7.59 -19.04 18.47
CA PHE C 188 -8.08 -18.76 19.81
C PHE C 188 -6.98 -18.05 20.59
N LYS C 189 -6.64 -16.84 20.12
CA LYS C 189 -5.48 -16.07 20.58
C LYS C 189 -5.91 -14.64 20.87
N ASN C 190 -5.06 -13.92 21.62
CA ASN C 190 -5.14 -12.47 21.73
C ASN C 190 -6.57 -12.04 22.11
N VAL C 191 -7.20 -11.20 21.28
CA VAL C 191 -8.48 -10.63 21.67
C VAL C 191 -9.48 -11.76 21.93
N ARG C 192 -9.56 -12.72 21.00
CA ARG C 192 -10.60 -13.73 21.07
C ARG C 192 -10.45 -14.55 22.35
N PHE C 193 -9.21 -14.83 22.76
CA PHE C 193 -8.98 -15.68 23.91
C PHE C 193 -9.56 -15.01 25.14
N ILE C 194 -9.45 -13.69 25.23
CA ILE C 194 -9.93 -12.96 26.39
C ILE C 194 -11.45 -12.82 26.32
N THR C 195 -11.99 -12.42 25.16
CA THR C 195 -13.41 -12.10 25.05
C THR C 195 -14.25 -13.37 25.14
N ALA C 196 -13.67 -14.52 24.79
CA ALA C 196 -14.43 -15.76 24.71
C ALA C 196 -14.83 -16.26 26.09
N TYR C 197 -14.08 -15.90 27.13
CA TYR C 197 -14.42 -16.33 28.48
C TYR C 197 -15.46 -15.39 29.07
N GLY C 198 -15.26 -14.08 28.89
CA GLY C 198 -16.24 -13.09 29.32
C GLY C 198 -17.63 -13.37 28.74
N GLU C 199 -17.70 -13.70 27.44
CA GLU C 199 -18.97 -13.83 26.75
CA GLU C 199 -18.95 -13.88 26.71
C GLU C 199 -19.77 -15.00 27.35
N THR C 200 -19.09 -15.99 27.96
CA THR C 200 -19.80 -17.16 28.48
C THR C 200 -20.49 -16.86 29.80
N VAL C 201 -20.07 -15.79 30.50
CA VAL C 201 -20.70 -15.45 31.78
C VAL C 201 -21.67 -14.27 31.62
N PHE C 202 -21.62 -13.55 30.49
CA PHE C 202 -22.51 -12.42 30.30
C PHE C 202 -23.96 -12.88 30.42
N PRO C 203 -24.37 -14.06 29.89
CA PRO C 203 -25.74 -14.55 30.04
C PRO C 203 -26.17 -14.68 31.50
N ILE C 204 -25.24 -15.09 32.37
CA ILE C 204 -25.53 -15.28 33.78
C ILE C 204 -25.64 -13.91 34.47
N ASN C 205 -24.67 -13.02 34.22
CA ASN C 205 -24.57 -11.78 34.97
C ASN C 205 -25.51 -10.71 34.43
N LEU C 206 -25.87 -10.78 33.14
CA LEU C 206 -26.59 -9.68 32.49
C LEU C 206 -27.93 -10.12 31.90
N PHE C 207 -28.09 -11.39 31.48
CA PHE C 207 -29.33 -11.82 30.86
C PHE C 207 -30.29 -12.38 31.91
N VAL C 208 -29.77 -12.75 33.08
CA VAL C 208 -30.61 -13.15 34.19
C VAL C 208 -31.19 -11.88 34.82
N ASP C 209 -32.47 -11.95 35.15
CA ASP C 209 -33.20 -10.81 35.69
C ASP C 209 -32.54 -10.34 36.99
N GLY C 210 -32.45 -9.02 37.15
CA GLY C 210 -31.70 -8.43 38.25
C GLY C 210 -32.38 -8.62 39.61
N ARG C 211 -33.66 -9.02 39.62
CA ARG C 211 -34.37 -9.30 40.87
C ARG C 211 -34.01 -10.68 41.41
N VAL C 212 -33.34 -11.51 40.60
CA VAL C 212 -32.87 -12.82 41.04
C VAL C 212 -31.51 -12.65 41.71
N THR C 213 -31.47 -12.89 43.04
CA THR C 213 -30.32 -12.55 43.86
C THR C 213 -29.46 -13.78 44.14
N THR C 214 -30.12 -14.94 44.30
CA THR C 214 -29.41 -16.17 44.65
C THR C 214 -29.54 -17.17 43.50
N ASP C 215 -28.46 -17.94 43.27
CA ASP C 215 -28.51 -19.08 42.35
C ASP C 215 -28.90 -18.59 40.96
N ARG C 216 -28.13 -17.62 40.44
CA ARG C 216 -28.47 -16.97 39.20
C ARG C 216 -28.29 -17.96 38.04
N LYS C 217 -29.36 -18.16 37.27
CA LYS C 217 -29.38 -19.12 36.18
C LYS C 217 -30.38 -18.67 35.12
N LEU C 218 -30.09 -18.97 33.85
CA LEU C 218 -30.88 -18.45 32.75
C LEU C 218 -31.75 -19.56 32.14
N SER C 219 -33.04 -19.28 31.97
CA SER C 219 -33.94 -20.24 31.34
C SER C 219 -33.69 -20.29 29.83
N MET C 220 -34.09 -21.39 29.20
CA MET C 220 -33.86 -21.57 27.77
C MET C 220 -34.79 -20.65 26.98
N GLU C 221 -35.99 -20.38 27.51
CA GLU C 221 -36.91 -19.44 26.92
C GLU C 221 -36.26 -18.05 26.84
N ASP C 222 -35.68 -17.61 27.95
CA ASP C 222 -35.05 -16.29 28.02
C ASP C 222 -33.84 -16.24 27.10
N ALA C 223 -33.05 -17.33 27.08
CA ALA C 223 -31.89 -17.42 26.20
C ALA C 223 -32.30 -17.29 24.74
N ALA C 224 -33.32 -18.05 24.32
CA ALA C 224 -33.76 -18.03 22.93
C ALA C 224 -34.25 -16.64 22.55
N SER C 225 -35.02 -16.03 23.46
CA SER C 225 -35.57 -14.71 23.24
C SER C 225 -34.45 -13.70 22.90
N ILE C 226 -33.34 -13.74 23.64
CA ILE C 226 -32.27 -12.76 23.47
C ILE C 226 -31.36 -13.18 22.31
N PHE C 227 -30.83 -14.41 22.37
CA PHE C 227 -29.86 -14.89 21.39
C PHE C 227 -30.45 -14.99 19.99
N ARG C 228 -31.71 -15.43 19.86
CA ARG C 228 -32.32 -15.63 18.55
C ARG C 228 -33.14 -14.41 18.15
N ASP C 229 -34.06 -13.97 19.03
CA ASP C 229 -35.09 -13.03 18.63
C ASP C 229 -34.69 -11.58 18.96
N MET C 230 -33.59 -11.38 19.67
CA MET C 230 -33.11 -10.05 20.01
CA MET C 230 -33.11 -10.05 20.01
C MET C 230 -34.16 -9.32 20.86
N ARG C 231 -34.77 -10.04 21.81
CA ARG C 231 -35.89 -9.52 22.58
CA ARG C 231 -35.88 -9.50 22.59
C ARG C 231 -35.66 -9.78 24.07
N PHE C 232 -35.85 -8.72 24.87
CA PHE C 232 -35.85 -8.87 26.32
C PHE C 232 -36.97 -9.80 26.74
N PRO C 233 -36.76 -10.65 27.78
CA PRO C 233 -37.87 -11.34 28.42
C PRO C 233 -38.93 -10.32 28.84
N ASP C 234 -40.19 -10.76 28.90
CA ASP C 234 -41.27 -9.92 29.40
C ASP C 234 -40.89 -9.41 30.79
N ASP C 235 -41.13 -8.11 31.04
CA ASP C 235 -40.93 -7.50 32.36
C ASP C 235 -39.47 -7.61 32.80
N PHE C 236 -38.54 -7.59 31.85
CA PHE C 236 -37.14 -7.83 32.18
C PHE C 236 -36.58 -6.68 33.00
N HIS C 237 -35.96 -7.03 34.14
CA HIS C 237 -35.25 -6.07 34.97
C HIS C 237 -33.75 -6.33 34.86
N ARG C 238 -32.98 -5.28 34.57
CA ARG C 238 -31.54 -5.40 34.41
C ARG C 238 -30.89 -5.77 35.74
N SER C 239 -29.63 -6.24 35.64
CA SER C 239 -28.76 -6.46 36.78
C SER C 239 -28.90 -5.33 37.79
N ALA C 240 -28.89 -5.69 39.08
CA ALA C 240 -29.05 -4.75 40.17
C ALA C 240 -27.74 -4.00 40.43
N VAL C 241 -26.63 -4.45 39.83
CA VAL C 241 -25.34 -3.77 39.92
C VAL C 241 -24.69 -3.75 38.54
N PRO C 242 -23.80 -2.77 38.26
CA PRO C 242 -22.93 -2.84 37.09
C PRO C 242 -22.21 -4.18 37.11
N ALA C 243 -22.15 -4.82 35.94
CA ALA C 243 -21.52 -6.13 35.87
C ALA C 243 -20.94 -6.33 34.48
N SER C 244 -20.07 -7.34 34.40
CA SER C 244 -19.45 -7.75 33.16
C SER C 244 -19.07 -9.23 33.28
N ASN C 245 -17.79 -9.51 33.55
CA ASN C 245 -17.23 -10.83 33.35
C ASN C 245 -16.97 -11.53 34.69
N GLU C 246 -17.76 -11.23 35.72
CA GLU C 246 -17.64 -11.92 36.99
C GLU C 246 -17.83 -13.42 36.76
N GLY C 247 -16.86 -14.23 37.22
CA GLY C 247 -16.96 -15.68 37.16
C GLY C 247 -16.19 -16.29 35.98
N ALA C 248 -15.65 -15.44 35.09
CA ALA C 248 -14.95 -15.93 33.90
C ALA C 248 -13.69 -16.70 34.27
N ASP C 249 -13.05 -16.30 35.38
CA ASP C 249 -11.91 -17.01 35.97
C ASP C 249 -12.24 -18.48 36.22
N GLN C 250 -13.45 -18.76 36.74
CA GLN C 250 -13.84 -20.10 37.12
C GLN C 250 -14.15 -20.94 35.88
N VAL C 251 -14.59 -20.30 34.80
CA VAL C 251 -14.87 -20.97 33.55
C VAL C 251 -13.57 -21.52 32.97
N LEU C 252 -12.51 -20.68 33.00
CA LEU C 252 -11.18 -21.10 32.59
C LEU C 252 -10.68 -22.22 33.50
N ALA C 253 -10.85 -22.05 34.82
CA ALA C 253 -10.32 -22.99 35.80
C ALA C 253 -10.94 -24.39 35.62
N ALA C 254 -12.20 -24.46 35.20
CA ALA C 254 -12.89 -25.72 35.00
C ALA C 254 -12.22 -26.56 33.90
N HIS C 255 -11.65 -25.90 32.90
CA HIS C 255 -10.93 -26.60 31.84
C HIS C 255 -9.78 -25.71 31.36
N PRO C 256 -8.66 -25.69 32.11
CA PRO C 256 -7.51 -24.84 31.76
C PRO C 256 -7.18 -24.94 30.28
N TRP C 257 -6.94 -23.77 29.67
CA TRP C 257 -6.69 -23.72 28.25
C TRP C 257 -5.73 -22.59 27.93
N VAL C 258 -4.92 -22.79 26.89
CA VAL C 258 -3.86 -21.88 26.54
C VAL C 258 -4.18 -21.30 25.16
N PRO C 259 -3.94 -19.98 24.93
CA PRO C 259 -4.15 -19.39 23.61
C PRO C 259 -3.30 -20.09 22.55
N GLY C 260 -3.84 -20.14 21.33
CA GLY C 260 -3.17 -20.78 20.20
C GLY C 260 -4.13 -20.92 19.03
N GLY C 261 -3.91 -21.97 18.23
CA GLY C 261 -4.76 -22.26 17.08
C GLY C 261 -4.30 -23.53 16.36
N ASN C 262 -5.15 -24.00 15.44
CA ASN C 262 -4.78 -25.07 14.52
C ASN C 262 -3.72 -24.54 13.56
N ALA C 263 -2.58 -25.24 13.46
CA ALA C 263 -1.49 -24.80 12.60
C ALA C 263 -1.58 -25.49 11.22
N ASP C 264 -1.05 -24.79 10.20
CA ASP C 264 -0.80 -25.35 8.88
C ASP C 264 -2.09 -25.89 8.25
N ASN C 265 -3.20 -25.18 8.43
CA ASN C 265 -4.45 -25.45 7.73
C ASN C 265 -4.87 -26.92 7.94
N GLN C 266 -4.66 -27.44 9.15
CA GLN C 266 -5.01 -28.81 9.48
C GLN C 266 -5.86 -28.84 10.74
N VAL C 267 -6.88 -29.71 10.75
CA VAL C 267 -7.70 -29.92 11.95
C VAL C 267 -6.90 -30.72 12.97
N ASN C 268 -7.41 -30.78 14.20
CA ASN C 268 -6.79 -31.52 15.30
C ASN C 268 -5.29 -31.26 15.36
N ASN C 269 -4.90 -29.97 15.29
CA ASN C 269 -3.50 -29.61 15.21
C ASN C 269 -3.27 -28.31 15.99
N TYR C 270 -3.67 -28.30 17.27
CA TYR C 270 -3.66 -27.09 18.07
C TYR C 270 -2.26 -26.87 18.64
N VAL C 271 -1.65 -25.73 18.29
CA VAL C 271 -0.35 -25.33 18.78
C VAL C 271 -0.52 -24.10 19.67
N GLU C 272 0.08 -24.15 20.87
CA GLU C 272 0.03 -23.03 21.79
CA GLU C 272 0.08 -23.04 21.82
C GLU C 272 0.84 -21.87 21.23
N ASP C 273 0.38 -20.64 21.52
CA ASP C 273 1.09 -19.42 21.19
C ASP C 273 1.53 -18.73 22.48
N PRO C 274 2.83 -18.81 22.86
CA PRO C 274 3.30 -18.25 24.12
C PRO C 274 3.34 -16.71 24.19
N ASP C 275 3.27 -16.05 23.01
CA ASP C 275 3.34 -14.61 22.92
C ASP C 275 1.98 -13.95 23.10
N SER C 276 0.89 -14.73 22.96
CA SER C 276 -0.47 -14.20 23.05
C SER C 276 -0.73 -13.63 24.44
N ALA C 277 -1.64 -12.66 24.49
CA ALA C 277 -2.24 -12.24 25.74
C ALA C 277 -2.91 -13.43 26.41
N ASP C 278 -2.98 -13.36 27.75
CA ASP C 278 -3.80 -14.26 28.54
C ASP C 278 -4.23 -13.46 29.77
N PHE C 279 -4.82 -14.14 30.76
CA PHE C 279 -5.49 -13.45 31.85
C PHE C 279 -4.50 -12.91 32.87
N THR C 280 -3.23 -13.34 32.82
CA THR C 280 -2.21 -12.75 33.68
C THR C 280 -1.28 -11.86 32.86
N HIS C 281 -1.61 -11.66 31.57
CA HIS C 281 -0.81 -10.81 30.68
C HIS C 281 -1.75 -9.97 29.82
N LEU C 282 -2.64 -9.21 30.47
CA LEU C 282 -3.68 -8.47 29.78
C LEU C 282 -3.12 -7.33 28.93
N CYS C 283 -2.06 -6.66 29.36
CA CYS C 283 -1.55 -5.50 28.65
C CYS C 283 -1.01 -5.89 27.27
N ARG C 284 -0.64 -7.16 27.08
CA ARG C 284 -0.27 -7.63 25.75
C ARG C 284 -1.41 -7.40 24.76
N LEU C 285 -2.65 -7.56 25.25
CA LEU C 285 -3.81 -7.36 24.42
C LEU C 285 -3.86 -5.89 23.98
N TYR C 286 -3.60 -4.98 24.92
CA TYR C 286 -3.56 -3.55 24.62
C TYR C 286 -2.56 -3.30 23.51
N GLU C 287 -1.34 -3.83 23.68
CA GLU C 287 -0.25 -3.56 22.75
C GLU C 287 -0.54 -4.20 21.39
N PHE C 288 -1.08 -5.42 21.40
CA PHE C 288 -1.41 -6.11 20.17
C PHE C 288 -2.40 -5.26 19.37
N VAL C 289 -3.46 -4.78 20.03
CA VAL C 289 -4.50 -4.03 19.34
C VAL C 289 -3.94 -2.72 18.81
N VAL C 290 -3.09 -2.04 19.58
CA VAL C 290 -2.51 -0.81 19.09
C VAL C 290 -1.71 -1.11 17.81
N GLY C 291 -0.98 -2.22 17.81
CA GLY C 291 -0.29 -2.70 16.63
C GLY C 291 -1.23 -2.93 15.45
N SER C 292 -2.38 -3.59 15.71
CA SER C 292 -3.35 -3.85 14.67
C SER C 292 -3.85 -2.55 14.07
N VAL C 293 -4.10 -1.55 14.94
CA VAL C 293 -4.60 -0.27 14.48
C VAL C 293 -3.57 0.40 13.57
N GLN C 294 -2.27 0.27 13.91
CA GLN C 294 -1.21 0.87 13.10
C GLN C 294 -1.17 0.22 11.71
N GLU C 295 -1.46 -1.09 11.65
CA GLU C 295 -1.52 -1.79 10.38
C GLU C 295 -2.69 -1.30 9.54
N LEU C 296 -3.83 -1.00 10.19
CA LEU C 296 -5.00 -0.50 9.49
C LEU C 296 -4.76 0.93 9.03
N TYR C 297 -4.01 1.70 9.82
CA TYR C 297 -3.83 3.13 9.59
C TYR C 297 -2.34 3.47 9.68
N PRO C 298 -1.54 3.12 8.64
CA PRO C 298 -0.08 3.27 8.71
C PRO C 298 0.45 4.69 8.74
N ASN C 299 -0.22 5.64 8.09
CA ASN C 299 0.30 6.99 8.01
C ASN C 299 -0.82 8.03 7.89
N PRO C 300 -1.73 8.15 8.90
CA PRO C 300 -2.84 9.10 8.84
C PRO C 300 -2.43 10.55 9.10
N THR C 301 -3.22 11.47 8.54
CA THR C 301 -3.08 12.91 8.77
C THR C 301 -4.48 13.51 8.93
N GLY C 302 -4.54 14.79 9.33
CA GLY C 302 -5.79 15.53 9.37
C GLY C 302 -6.77 14.98 10.41
N ILE C 303 -8.07 14.99 10.07
CA ILE C 303 -9.13 14.60 10.98
C ILE C 303 -8.95 13.14 11.37
N LEU C 304 -8.53 12.30 10.42
CA LEU C 304 -8.38 10.88 10.67
C LEU C 304 -7.33 10.66 11.75
N ARG C 305 -6.18 11.34 11.64
CA ARG C 305 -5.13 11.23 12.63
CA ARG C 305 -5.13 11.23 12.63
C ARG C 305 -5.67 11.69 13.99
N ARG C 306 -6.34 12.85 14.00
CA ARG C 306 -6.88 13.43 15.22
C ARG C 306 -7.86 12.46 15.88
N ASN C 307 -8.78 11.90 15.09
CA ASN C 307 -9.82 11.04 15.64
C ASN C 307 -9.22 9.72 16.13
N LEU C 308 -8.14 9.27 15.47
CA LEU C 308 -7.44 8.07 15.91
C LEU C 308 -6.83 8.30 17.29
N ILE C 309 -6.16 9.45 17.45
CA ILE C 309 -5.49 9.77 18.69
C ILE C 309 -6.51 9.81 19.83
N LYS C 310 -7.64 10.45 19.57
CA LYS C 310 -8.69 10.57 20.58
C LYS C 310 -9.25 9.20 20.95
N ASN C 311 -9.59 8.39 19.94
CA ASN C 311 -10.23 7.12 20.19
C ASN C 311 -9.28 6.17 20.91
N LEU C 312 -7.98 6.27 20.60
CA LEU C 312 -6.99 5.43 21.23
C LEU C 312 -6.88 5.79 22.71
N HIS C 313 -6.93 7.09 23.01
CA HIS C 313 -6.89 7.56 24.39
C HIS C 313 -8.15 7.12 25.11
N TYR C 314 -9.32 7.30 24.49
CA TYR C 314 -10.57 6.85 25.09
C TYR C 314 -10.49 5.38 25.46
N TRP C 315 -10.02 4.55 24.53
CA TRP C 315 -9.91 3.12 24.79
C TRP C 315 -8.99 2.88 25.99
N TRP C 316 -7.82 3.53 25.98
CA TRP C 316 -6.86 3.39 27.06
C TRP C 316 -7.49 3.69 28.43
N THR C 317 -8.39 4.68 28.51
CA THR C 317 -8.96 5.06 29.80
C THR C 317 -9.72 3.87 30.38
N GLY C 318 -10.37 3.08 29.52
CA GLY C 318 -11.03 1.86 29.95
C GLY C 318 -10.02 0.75 30.28
N VAL C 319 -9.03 0.59 29.40
CA VAL C 319 -8.05 -0.47 29.54
C VAL C 319 -7.28 -0.29 30.85
N ASN C 320 -6.92 0.94 31.18
CA ASN C 320 -6.08 1.20 32.34
C ASN C 320 -6.73 0.62 33.60
N VAL C 321 -8.05 0.80 33.72
CA VAL C 321 -8.76 0.31 34.89
C VAL C 321 -9.01 -1.20 34.72
N ALA C 322 -9.57 -1.60 33.58
CA ALA C 322 -10.03 -2.98 33.44
C ALA C 322 -8.87 -3.97 33.47
N PHE C 323 -7.69 -3.56 33.03
CA PHE C 323 -6.55 -4.47 32.93
C PHE C 323 -5.59 -4.29 34.11
N GLY C 324 -5.95 -3.39 35.04
CA GLY C 324 -5.16 -3.21 36.25
C GLY C 324 -3.87 -2.44 36.02
N GLY C 325 -3.84 -1.57 35.00
CA GLY C 325 -2.73 -0.67 34.74
C GLY C 325 -1.92 -1.10 33.51
N CYS C 326 -1.93 -0.25 32.47
CA CYS C 326 -1.06 -0.42 31.31
C CYS C 326 -0.48 0.94 30.92
N ASP C 327 0.79 0.96 30.51
CA ASP C 327 1.40 2.17 29.99
C ASP C 327 0.77 2.51 28.63
N GLU C 328 0.30 3.75 28.52
CA GLU C 328 -0.35 4.22 27.31
C GLU C 328 0.67 4.32 26.19
N LEU C 329 0.28 3.88 24.99
CA LEU C 329 1.07 4.07 23.79
C LEU C 329 0.51 5.25 22.98
N PHE C 330 1.40 5.93 22.24
CA PHE C 330 1.04 7.10 21.46
C PHE C 330 1.55 6.93 20.03
N PRO C 331 0.97 6.00 19.24
CA PRO C 331 1.51 5.70 17.91
C PRO C 331 1.46 6.87 16.93
N TYR C 332 0.57 7.84 17.19
CA TYR C 332 0.44 9.00 16.32
C TYR C 332 0.77 10.27 17.10
N GLY C 333 1.42 10.14 18.26
CA GLY C 333 1.79 11.29 19.06
C GLY C 333 0.57 11.89 19.76
N GLN C 334 0.57 13.22 19.89
CA GLN C 334 -0.39 13.96 20.69
CA GLN C 334 -0.42 13.94 20.67
C GLN C 334 -1.10 14.98 19.80
N LEU C 335 -2.24 15.49 20.28
CA LEU C 335 -3.06 16.43 19.52
C LEU C 335 -2.30 17.76 19.29
#